data_3GAA
#
_entry.id   3GAA
#
_cell.length_a   184.318
_cell.length_b   184.318
_cell.length_c   260.485
_cell.angle_alpha   90.00
_cell.angle_beta   90.00
_cell.angle_gamma   120.00
#
_symmetry.space_group_name_H-M   'H 3 2'
#
loop_
_entity.id
_entity.type
_entity.pdbx_description
1 polymer 'uncharacterized protein Ta1441'
2 water water
#
_entity_poly.entity_id   1
_entity_poly.type   'polypeptide(L)'
_entity_poly.pdbx_seq_one_letter_code
;MPKMIMVNKKASESQVMELEKRNYNNPVVLCGFAGSTPTGVLAASYIVETLGMHQVAHLISQHIPPVAVFVGGKLRHPFR
IYANNSNTVLVAMCEVPISSAHIYEISNTLMNWIDQVGASEIVIMEGSPANGIPEERPVFAVAEKPKLDKFKKAGIQPAD
SAIIAGMGGGILNECLVRKITGLSFITPTSVDIPDPGAVLSIIEAINKAYNLKIKTDLLEEQVKALDEQIKKIEEQYKEL
QEKQKEPQSMYG
;
_entity_poly.pdbx_strand_id   A,B,C,D,E
#
# COMPACT_ATOMS: atom_id res chain seq x y z
N MET A 4 -21.37 -24.63 1.22
CA MET A 4 -21.12 -26.11 1.26
C MET A 4 -22.05 -26.92 0.34
N ILE A 5 -23.28 -26.45 0.18
CA ILE A 5 -24.33 -27.20 -0.48
C ILE A 5 -24.57 -26.53 -1.82
N MET A 6 -23.67 -26.83 -2.74
CA MET A 6 -23.53 -26.22 -4.07
C MET A 6 -24.30 -27.05 -5.10
N VAL A 7 -24.46 -26.48 -6.28
CA VAL A 7 -24.72 -27.23 -7.49
C VAL A 7 -23.43 -27.26 -8.26
N ASN A 8 -22.96 -28.44 -8.57
CA ASN A 8 -21.67 -28.62 -9.14
C ASN A 8 -21.81 -29.08 -10.57
N LYS A 9 -21.18 -28.32 -11.46
CA LYS A 9 -21.30 -28.49 -12.90
C LYS A 9 -20.28 -29.48 -13.38
N LYS A 10 -20.62 -30.16 -14.44
CA LYS A 10 -19.85 -31.32 -14.85
C LYS A 10 -18.52 -31.03 -15.52
N ALA A 11 -18.38 -29.83 -16.05
CA ALA A 11 -17.14 -29.46 -16.71
C ALA A 11 -16.07 -28.91 -15.75
N SER A 12 -16.49 -28.55 -14.56
CA SER A 12 -15.65 -27.79 -13.66
C SER A 12 -15.41 -28.52 -12.38
N GLU A 13 -15.47 -29.84 -12.45
CA GLU A 13 -15.35 -30.70 -11.26
C GLU A 13 -13.90 -30.51 -10.66
N SER A 14 -12.88 -30.54 -11.53
CA SER A 14 -11.48 -30.32 -11.11
C SER A 14 -11.25 -28.99 -10.37
N GLN A 15 -12.19 -28.08 -10.49
CA GLN A 15 -12.05 -26.75 -9.93
C GLN A 15 -12.90 -26.51 -8.64
N VAL A 16 -14.12 -27.07 -8.56
CA VAL A 16 -14.87 -27.11 -7.28
C VAL A 16 -14.10 -27.88 -6.21
N MET A 17 -13.38 -28.89 -6.70
CA MET A 17 -12.78 -29.96 -5.92
C MET A 17 -11.24 -29.91 -5.70
N GLU A 18 -10.54 -28.87 -6.18
CA GLU A 18 -9.03 -28.87 -6.18
C GLU A 18 -8.40 -30.14 -6.78
N LEU A 19 -9.05 -30.75 -7.78
CA LEU A 19 -8.87 -32.18 -8.19
C LEU A 19 -8.00 -32.23 -9.44
N GLU A 20 -7.14 -31.21 -9.55
CA GLU A 20 -6.53 -30.79 -10.81
C GLU A 20 -5.33 -31.66 -11.24
N LYS A 21 -4.55 -32.18 -10.28
CA LYS A 21 -3.51 -33.21 -10.56
C LYS A 21 -4.07 -34.35 -11.38
N ARG A 22 -5.34 -34.65 -11.13
CA ARG A 22 -6.04 -35.84 -11.68
C ARG A 22 -5.98 -35.90 -13.21
N ASN A 23 -6.21 -34.77 -13.88
CA ASN A 23 -6.17 -34.77 -15.34
C ASN A 23 -4.80 -34.25 -15.90
N TYR A 24 -3.70 -34.64 -15.22
CA TYR A 24 -2.33 -34.37 -15.64
C TYR A 24 -1.44 -35.51 -15.27
N ASN A 25 -0.73 -36.05 -16.26
CA ASN A 25 0.22 -37.13 -16.02
C ASN A 25 1.55 -36.54 -15.73
N ASN A 26 1.66 -35.94 -14.56
CA ASN A 26 2.97 -35.62 -13.97
C ASN A 26 3.99 -34.72 -14.69
N PRO A 27 3.51 -33.59 -15.21
CA PRO A 27 4.10 -32.90 -16.34
C PRO A 27 5.40 -32.21 -16.02
N VAL A 28 6.24 -32.04 -17.02
CA VAL A 28 7.43 -31.19 -16.86
C VAL A 28 7.06 -29.82 -17.38
N VAL A 29 7.33 -28.78 -16.59
CA VAL A 29 6.88 -27.44 -16.95
C VAL A 29 8.01 -26.53 -17.43
N LEU A 30 7.89 -26.03 -18.64
CA LEU A 30 8.92 -25.15 -19.20
C LEU A 30 8.42 -23.72 -19.21
N CYS A 31 9.26 -22.75 -18.81
CA CYS A 31 8.86 -21.33 -18.73
C CYS A 31 9.67 -20.37 -19.53
N GLY A 32 9.00 -19.35 -20.06
CA GLY A 32 9.64 -18.27 -20.78
C GLY A 32 9.00 -16.93 -20.44
N PHE A 33 9.83 -16.02 -19.95
CA PHE A 33 9.38 -14.67 -19.63
C PHE A 33 10.11 -13.65 -20.45
N ALA A 34 9.61 -12.45 -20.39
CA ALA A 34 10.02 -11.40 -21.24
C ALA A 34 11.12 -10.68 -20.50
N GLY A 35 12.28 -11.30 -20.36
CA GLY A 35 13.44 -10.75 -19.62
C GLY A 35 14.34 -9.83 -20.44
N SER A 36 15.66 -9.91 -20.23
CA SER A 36 16.61 -9.09 -21.05
C SER A 36 16.58 -9.58 -22.47
N THR A 37 17.19 -10.74 -22.70
CA THR A 37 17.08 -11.37 -24.02
C THR A 37 15.63 -11.74 -24.28
N PRO A 38 15.27 -11.95 -25.54
CA PRO A 38 13.96 -12.52 -25.93
C PRO A 38 13.95 -14.06 -25.98
N THR A 39 15.06 -14.74 -25.61
CA THR A 39 15.17 -16.13 -25.94
C THR A 39 14.25 -17.05 -25.12
N GLY A 40 13.90 -16.74 -23.88
CA GLY A 40 12.89 -17.54 -23.16
C GLY A 40 11.51 -17.62 -23.84
N VAL A 41 10.94 -16.46 -24.20
CA VAL A 41 9.61 -16.40 -24.86
C VAL A 41 9.69 -17.00 -26.27
N LEU A 42 10.82 -16.79 -26.93
CA LEU A 42 11.00 -17.42 -28.21
C LEU A 42 11.07 -18.92 -28.07
N ALA A 43 11.75 -19.47 -27.08
CA ALA A 43 11.68 -20.93 -26.89
C ALA A 43 10.24 -21.38 -26.58
N ALA A 44 9.62 -20.74 -25.59
CA ALA A 44 8.26 -21.03 -25.14
C ALA A 44 7.41 -21.11 -26.36
N SER A 45 7.37 -20.03 -27.15
CA SER A 45 6.54 -20.05 -28.35
C SER A 45 6.86 -21.14 -29.32
N TYR A 46 8.15 -21.28 -29.63
CA TYR A 46 8.56 -22.36 -30.49
C TYR A 46 7.98 -23.67 -30.01
N ILE A 47 8.17 -24.04 -28.75
CA ILE A 47 7.87 -25.40 -28.38
C ILE A 47 6.33 -25.58 -28.38
N VAL A 48 5.60 -24.55 -27.95
CA VAL A 48 4.14 -24.53 -27.99
C VAL A 48 3.68 -24.87 -29.38
N GLU A 49 4.20 -24.16 -30.36
CA GLU A 49 3.87 -24.48 -31.73
C GLU A 49 4.33 -25.87 -32.13
N THR A 50 5.56 -26.26 -31.80
CA THR A 50 6.08 -27.49 -32.37
C THR A 50 5.58 -28.74 -31.65
N LEU A 51 5.19 -28.69 -30.39
CA LEU A 51 4.51 -29.88 -29.85
C LEU A 51 3.02 -29.80 -30.11
N GLY A 52 2.58 -28.70 -30.70
CA GLY A 52 1.16 -28.59 -31.07
C GLY A 52 0.33 -28.58 -29.81
N MET A 53 0.79 -27.81 -28.83
CA MET A 53 0.19 -27.80 -27.54
C MET A 53 -1.06 -26.95 -27.68
N HIS A 54 -1.91 -26.99 -26.67
CA HIS A 54 -3.21 -26.37 -26.65
C HIS A 54 -3.31 -25.51 -25.39
N GLN A 55 -4.13 -24.47 -25.46
CA GLN A 55 -4.23 -23.57 -24.31
C GLN A 55 -5.00 -24.22 -23.15
N VAL A 56 -4.60 -23.97 -21.93
CA VAL A 56 -5.12 -24.68 -20.80
C VAL A 56 -5.42 -23.75 -19.61
N ALA A 57 -4.80 -22.60 -19.54
CA ALA A 57 -4.96 -21.71 -18.39
C ALA A 57 -4.44 -20.31 -18.71
N HIS A 58 -4.96 -19.31 -18.03
CA HIS A 58 -4.36 -17.96 -18.05
C HIS A 58 -3.98 -17.67 -16.62
N LEU A 59 -2.95 -16.84 -16.43
CA LEU A 59 -2.59 -16.32 -15.12
C LEU A 59 -3.06 -14.86 -15.08
N ILE A 60 -4.06 -14.65 -14.24
CA ILE A 60 -4.76 -13.37 -14.04
C ILE A 60 -4.11 -12.69 -12.86
N SER A 61 -3.93 -11.37 -12.95
CA SER A 61 -3.34 -10.62 -11.84
C SER A 61 -3.27 -9.13 -12.07
N GLN A 62 -3.48 -8.37 -11.03
CA GLN A 62 -3.32 -6.96 -11.11
C GLN A 62 -1.92 -6.51 -11.47
N HIS A 63 -0.96 -7.41 -11.32
CA HIS A 63 0.41 -7.05 -11.48
C HIS A 63 1.07 -7.55 -12.73
N ILE A 64 0.28 -7.84 -13.73
CA ILE A 64 0.73 -8.21 -15.06
C ILE A 64 0.25 -7.04 -15.92
N PRO A 65 1.13 -6.41 -16.69
CA PRO A 65 0.60 -5.25 -17.42
C PRO A 65 -0.68 -5.64 -18.16
N PRO A 66 -1.75 -4.83 -18.00
CA PRO A 66 -3.12 -5.12 -18.41
C PRO A 66 -3.33 -4.76 -19.87
N VAL A 67 -2.40 -5.26 -20.65
CA VAL A 67 -2.19 -4.89 -22.02
C VAL A 67 -2.52 -6.15 -22.81
N ALA A 68 -3.18 -6.02 -23.94
CA ALA A 68 -3.43 -7.19 -24.81
C ALA A 68 -2.40 -7.22 -25.93
N VAL A 69 -1.92 -8.41 -26.31
CA VAL A 69 -1.03 -8.52 -27.48
C VAL A 69 -1.81 -8.87 -28.77
N PHE A 70 -1.50 -8.14 -29.83
CA PHE A 70 -2.17 -8.31 -31.10
C PHE A 70 -1.15 -8.31 -32.23
N VAL A 71 0.09 -8.74 -31.96
CA VAL A 71 1.12 -8.73 -32.98
C VAL A 71 0.78 -9.85 -33.91
N GLY A 72 1.02 -9.60 -35.21
CA GLY A 72 0.55 -10.49 -36.25
C GLY A 72 -0.96 -10.71 -36.27
N GLY A 73 -1.76 -9.72 -35.86
CA GLY A 73 -3.21 -9.86 -35.85
C GLY A 73 -3.78 -11.08 -35.12
N LYS A 74 -3.07 -11.58 -34.12
CA LYS A 74 -3.60 -12.65 -33.29
C LYS A 74 -3.84 -12.02 -31.92
N LEU A 75 -5.10 -11.79 -31.57
CA LEU A 75 -5.37 -11.25 -30.24
C LEU A 75 -5.08 -12.29 -29.14
N ARG A 76 -4.27 -11.95 -28.16
CA ARG A 76 -4.22 -12.77 -26.96
C ARG A 76 -3.79 -12.06 -25.70
N HIS A 77 -4.15 -12.70 -24.61
CA HIS A 77 -3.71 -12.28 -23.33
C HIS A 77 -2.20 -12.59 -23.18
N PRO A 78 -1.46 -11.70 -22.54
CA PRO A 78 0.00 -11.79 -22.36
C PRO A 78 0.58 -12.98 -21.58
N PHE A 79 -0.16 -13.57 -20.65
CA PHE A 79 0.33 -14.70 -19.82
C PHE A 79 -0.59 -15.93 -19.98
N ARG A 80 -0.04 -16.98 -20.62
CA ARG A 80 -0.78 -18.17 -21.07
C ARG A 80 -0.03 -19.42 -20.68
N ILE A 81 -0.77 -20.50 -20.38
CA ILE A 81 -0.19 -21.77 -20.03
C ILE A 81 -0.75 -22.82 -20.95
N TYR A 82 0.13 -23.62 -21.52
CA TYR A 82 -0.28 -24.64 -22.46
C TYR A 82 0.10 -26.01 -21.99
N ALA A 83 -0.60 -26.98 -22.53
CA ALA A 83 -0.39 -28.40 -22.29
C ALA A 83 -0.24 -29.07 -23.64
N ASN A 84 0.59 -30.08 -23.68
CA ASN A 84 0.58 -31.03 -24.77
C ASN A 84 -0.56 -32.04 -24.59
N ASN A 85 -0.61 -32.99 -25.48
CA ASN A 85 -1.79 -33.80 -25.58
C ASN A 85 -1.94 -34.82 -24.47
N SER A 86 -0.82 -35.40 -24.04
CA SER A 86 -0.81 -36.33 -22.93
C SER A 86 -0.79 -35.63 -21.63
N ASN A 87 -0.76 -34.31 -21.64
CA ASN A 87 -0.62 -33.54 -20.40
C ASN A 87 0.59 -33.99 -19.57
N THR A 88 1.71 -34.18 -20.29
CA THR A 88 3.02 -34.46 -19.73
C THR A 88 4.03 -33.31 -19.89
N VAL A 89 3.71 -32.27 -20.64
CA VAL A 89 4.61 -31.12 -20.74
C VAL A 89 3.72 -29.89 -20.72
N LEU A 90 3.99 -28.98 -19.81
CA LEU A 90 3.31 -27.73 -19.85
C LEU A 90 4.31 -26.67 -20.28
N VAL A 91 3.78 -25.60 -20.85
CA VAL A 91 4.58 -24.40 -21.07
C VAL A 91 3.86 -23.19 -20.49
N ALA A 92 4.60 -22.40 -19.72
CA ALA A 92 4.09 -21.22 -19.13
C ALA A 92 4.87 -20.13 -19.81
N MET A 93 4.17 -19.18 -20.42
CA MET A 93 4.86 -18.04 -21.04
C MET A 93 4.19 -16.76 -20.78
N CYS A 94 5.02 -15.74 -20.64
CA CYS A 94 4.55 -14.39 -20.52
C CYS A 94 5.26 -13.43 -21.47
N GLU A 95 4.49 -12.80 -22.34
CA GLU A 95 5.06 -12.05 -23.44
C GLU A 95 5.43 -10.59 -23.15
N VAL A 96 5.20 -10.13 -21.92
CA VAL A 96 5.40 -8.74 -21.57
C VAL A 96 6.07 -8.71 -20.21
N PRO A 97 6.95 -7.75 -19.98
CA PRO A 97 7.76 -7.97 -18.80
C PRO A 97 7.04 -7.65 -17.50
N ILE A 98 7.35 -8.43 -16.48
CA ILE A 98 6.83 -8.25 -15.15
C ILE A 98 7.80 -7.41 -14.32
N SER A 99 7.30 -6.30 -13.82
CA SER A 99 8.10 -5.48 -12.94
C SER A 99 8.67 -6.32 -11.81
N SER A 100 9.88 -5.99 -11.40
CA SER A 100 10.57 -6.75 -10.37
C SER A 100 9.97 -6.58 -9.00
N ALA A 101 9.31 -5.47 -8.76
CA ALA A 101 8.49 -5.33 -7.56
C ALA A 101 7.47 -6.48 -7.36
N HIS A 102 7.15 -7.25 -8.42
CA HIS A 102 6.12 -8.30 -8.33
C HIS A 102 6.58 -9.70 -8.71
N ILE A 103 7.89 -9.89 -8.82
CA ILE A 103 8.41 -11.25 -8.99
C ILE A 103 7.76 -12.22 -7.99
N TYR A 104 7.88 -11.92 -6.70
CA TYR A 104 7.32 -12.79 -5.65
C TYR A 104 5.83 -13.18 -5.76
N GLU A 105 4.94 -12.21 -5.96
CA GLU A 105 3.56 -12.61 -6.09
C GLU A 105 3.28 -13.35 -7.41
N ILE A 106 3.71 -12.83 -8.58
CA ILE A 106 3.53 -13.64 -9.80
C ILE A 106 4.14 -15.06 -9.67
N SER A 107 5.37 -15.20 -9.15
CA SER A 107 6.04 -16.55 -9.05
C SER A 107 5.25 -17.46 -8.18
N ASN A 108 4.69 -16.87 -7.15
CA ASN A 108 3.95 -17.62 -6.19
C ASN A 108 2.60 -18.10 -6.66
N THR A 109 1.85 -17.29 -7.39
CA THR A 109 0.63 -17.72 -8.00
C THR A 109 0.91 -18.88 -8.96
N LEU A 110 1.84 -18.65 -9.88
CA LEU A 110 2.26 -19.69 -10.80
C LEU A 110 2.65 -20.99 -10.10
N MET A 111 3.48 -20.88 -9.07
CA MET A 111 3.93 -22.09 -8.43
C MET A 111 2.87 -22.79 -7.62
N ASN A 112 1.82 -22.08 -7.20
CA ASN A 112 0.66 -22.75 -6.58
C ASN A 112 -0.09 -23.60 -7.57
N TRP A 113 -0.32 -23.10 -8.75
CA TRP A 113 -1.06 -23.87 -9.73
C TRP A 113 -0.24 -25.05 -10.20
N ILE A 114 1.05 -24.82 -10.41
CA ILE A 114 1.92 -25.84 -10.91
C ILE A 114 2.09 -26.90 -9.86
N ASP A 115 2.22 -26.53 -8.60
CA ASP A 115 2.37 -27.53 -7.53
C ASP A 115 1.12 -28.42 -7.54
N GLN A 116 -0.05 -27.81 -7.73
CA GLN A 116 -1.32 -28.55 -7.64
C GLN A 116 -1.65 -29.39 -8.86
N VAL A 117 -1.16 -29.01 -10.02
CA VAL A 117 -1.25 -29.82 -11.23
C VAL A 117 -0.33 -31.09 -11.18
N GLY A 118 0.56 -31.17 -10.18
CA GLY A 118 1.36 -32.37 -9.98
C GLY A 118 2.69 -32.35 -10.70
N ALA A 119 3.15 -31.17 -11.11
CA ALA A 119 4.37 -31.05 -11.93
C ALA A 119 5.58 -31.67 -11.24
N SER A 120 6.40 -32.39 -11.99
CA SER A 120 7.58 -33.05 -11.45
C SER A 120 8.77 -32.10 -11.45
N GLU A 121 9.01 -31.36 -12.54
CA GLU A 121 10.22 -30.54 -12.72
C GLU A 121 9.89 -29.26 -13.49
N ILE A 122 10.45 -28.13 -13.06
CA ILE A 122 10.21 -26.87 -13.72
C ILE A 122 11.46 -26.40 -14.36
N VAL A 123 11.46 -26.03 -15.63
CA VAL A 123 12.69 -25.59 -16.25
C VAL A 123 12.49 -24.16 -16.63
N ILE A 124 13.40 -23.27 -16.27
CA ILE A 124 13.27 -21.87 -16.70
C ILE A 124 14.25 -21.54 -17.83
N MET A 125 13.69 -21.04 -18.93
CA MET A 125 14.43 -20.89 -20.18
C MET A 125 14.91 -19.50 -20.30
N GLU A 126 16.20 -19.29 -20.49
CA GLU A 126 16.63 -17.94 -20.73
C GLU A 126 17.89 -17.72 -21.51
N GLY A 127 18.03 -16.48 -21.95
CA GLY A 127 19.27 -15.98 -22.58
C GLY A 127 20.00 -14.98 -21.72
N SER A 128 21.31 -14.85 -21.94
CA SER A 128 22.16 -13.82 -21.30
C SER A 128 22.72 -12.98 -22.40
N PRO A 129 22.85 -11.67 -22.18
CA PRO A 129 23.16 -10.90 -23.39
C PRO A 129 24.62 -10.98 -23.82
N ALA A 130 24.82 -11.08 -25.12
CA ALA A 130 26.14 -11.12 -25.72
C ALA A 130 26.11 -10.21 -26.97
N ASN A 131 27.08 -10.36 -27.86
CA ASN A 131 26.94 -9.90 -29.26
C ASN A 131 27.81 -10.73 -30.18
N GLY A 132 27.18 -11.60 -30.98
CA GLY A 132 27.88 -12.67 -31.72
C GLY A 132 27.00 -13.76 -32.32
N ILE A 133 27.24 -15.06 -32.05
CA ILE A 133 28.00 -15.59 -30.86
C ILE A 133 29.00 -16.64 -31.33
N PRO A 134 30.30 -16.42 -31.07
CA PRO A 134 31.32 -17.33 -31.71
C PRO A 134 30.82 -18.81 -31.80
N GLU A 135 30.54 -19.29 -33.03
CA GLU A 135 29.61 -20.44 -33.30
C GLU A 135 29.66 -21.63 -32.33
N GLU A 136 30.76 -21.73 -31.58
CA GLU A 136 30.80 -22.52 -30.35
C GLU A 136 29.97 -21.78 -29.29
N ARG A 137 28.69 -22.11 -29.18
CA ARG A 137 27.82 -21.48 -28.20
C ARG A 137 27.47 -22.45 -27.09
N PRO A 138 27.86 -22.14 -25.85
CA PRO A 138 27.60 -23.00 -24.69
C PRO A 138 26.19 -22.86 -24.04
N VAL A 139 25.77 -23.90 -23.33
CA VAL A 139 24.61 -23.77 -22.48
C VAL A 139 25.05 -23.82 -21.02
N PHE A 140 24.46 -22.95 -20.21
CA PHE A 140 24.69 -23.03 -18.78
C PHE A 140 23.44 -23.45 -18.12
N ALA A 141 23.64 -23.90 -16.90
CA ALA A 141 22.57 -24.36 -16.02
C ALA A 141 22.71 -23.80 -14.60
N VAL A 142 21.58 -23.40 -14.02
CA VAL A 142 21.50 -23.38 -12.58
C VAL A 142 20.59 -24.52 -12.17
N ALA A 143 21.14 -25.48 -11.42
CA ALA A 143 20.39 -26.61 -10.85
C ALA A 143 21.06 -27.02 -9.54
N GLU A 144 20.51 -28.01 -8.85
CA GLU A 144 21.16 -28.57 -7.67
C GLU A 144 22.25 -29.55 -8.03
N LYS A 145 23.20 -29.74 -7.10
CA LYS A 145 24.44 -30.47 -7.36
C LYS A 145 24.21 -31.77 -8.09
N PRO A 146 23.36 -32.61 -7.57
CA PRO A 146 23.18 -33.87 -8.28
C PRO A 146 22.74 -33.72 -9.78
N LYS A 147 21.82 -32.80 -10.04
CA LYS A 147 21.49 -32.45 -11.41
C LYS A 147 22.70 -31.84 -12.15
N LEU A 148 23.31 -30.79 -11.57
CA LEU A 148 24.48 -30.15 -12.19
C LEU A 148 25.55 -31.15 -12.63
N ASP A 149 25.72 -32.21 -11.85
CA ASP A 149 26.70 -33.23 -12.11
C ASP A 149 26.34 -34.12 -13.27
N LYS A 150 25.09 -34.56 -13.38
CA LYS A 150 24.59 -35.21 -14.61
C LYS A 150 24.80 -34.29 -15.81
N PHE A 151 24.27 -33.09 -15.73
CA PHE A 151 24.41 -32.10 -16.81
C PHE A 151 25.80 -31.82 -17.28
N LYS A 152 26.77 -32.09 -16.43
CA LYS A 152 28.17 -31.80 -16.73
C LYS A 152 28.81 -32.83 -17.67
N LYS A 153 28.45 -34.09 -17.47
CA LYS A 153 28.80 -35.12 -18.44
C LYS A 153 28.13 -34.79 -19.77
N ALA A 154 27.07 -33.97 -19.76
CA ALA A 154 26.33 -33.64 -20.97
C ALA A 154 26.90 -32.45 -21.71
N GLY A 155 27.95 -31.82 -21.16
CA GLY A 155 28.54 -30.62 -21.76
C GLY A 155 27.98 -29.30 -21.24
N ILE A 156 26.91 -29.35 -20.44
CA ILE A 156 26.28 -28.15 -19.89
C ILE A 156 27.09 -27.73 -18.68
N GLN A 157 27.55 -26.49 -18.67
CA GLN A 157 28.31 -26.01 -17.54
C GLN A 157 27.47 -25.09 -16.64
N PRO A 158 27.95 -24.89 -15.38
CA PRO A 158 27.20 -24.16 -14.34
C PRO A 158 27.21 -22.71 -14.61
N ALA A 159 26.07 -22.05 -14.55
CA ALA A 159 26.04 -20.61 -14.84
C ALA A 159 26.99 -19.91 -13.94
N ASP A 160 27.57 -18.80 -14.35
CA ASP A 160 28.34 -18.06 -13.36
C ASP A 160 27.59 -16.88 -12.84
N SER A 161 26.89 -17.05 -11.74
CA SER A 161 26.37 -15.92 -11.03
C SER A 161 26.08 -16.30 -9.64
N ALA A 162 26.37 -15.38 -8.74
CA ALA A 162 26.27 -15.67 -7.35
C ALA A 162 24.80 -15.70 -7.03
N ILE A 163 24.00 -14.86 -7.70
CA ILE A 163 22.59 -14.81 -7.44
C ILE A 163 21.79 -14.87 -8.76
N ILE A 164 20.54 -15.33 -8.67
CA ILE A 164 19.66 -15.51 -9.80
C ILE A 164 18.40 -14.68 -9.59
N ALA A 165 18.20 -13.69 -10.44
CA ALA A 165 17.14 -12.73 -10.24
C ALA A 165 16.01 -12.93 -11.26
N GLY A 166 15.24 -11.87 -11.45
CA GLY A 166 14.03 -11.89 -12.19
C GLY A 166 13.14 -13.00 -11.76
N MET A 167 12.34 -13.49 -12.71
CA MET A 167 11.29 -14.46 -12.42
C MET A 167 11.94 -15.79 -12.17
N GLY A 168 13.13 -15.96 -12.72
CA GLY A 168 13.82 -17.22 -12.60
C GLY A 168 14.14 -17.51 -11.15
N GLY A 169 14.65 -16.50 -10.45
CA GLY A 169 14.95 -16.61 -9.02
C GLY A 169 13.70 -16.82 -8.16
N GLY A 170 12.63 -16.14 -8.52
CA GLY A 170 11.43 -16.28 -7.76
C GLY A 170 10.92 -17.70 -7.88
N ILE A 171 10.85 -18.24 -9.09
CA ILE A 171 10.46 -19.65 -9.28
C ILE A 171 11.44 -20.65 -8.64
N LEU A 172 12.72 -20.43 -8.81
CA LEU A 172 13.64 -21.31 -8.16
C LEU A 172 13.41 -21.39 -6.62
N ASN A 173 13.10 -20.24 -6.01
CA ASN A 173 12.95 -20.23 -4.55
C ASN A 173 11.71 -21.00 -4.20
N GLU A 174 10.63 -20.73 -4.91
CA GLU A 174 9.45 -21.49 -4.70
C GLU A 174 9.70 -22.97 -4.82
N CYS A 175 10.47 -23.38 -5.81
CA CYS A 175 10.72 -24.79 -6.00
C CYS A 175 11.47 -25.33 -4.83
N LEU A 176 12.55 -24.65 -4.45
CA LEU A 176 13.40 -25.15 -3.38
C LEU A 176 12.57 -25.34 -2.12
N VAL A 177 11.67 -24.44 -1.83
CA VAL A 177 10.86 -24.61 -0.65
C VAL A 177 9.80 -25.72 -0.78
N ARG A 178 9.19 -25.79 -1.94
CA ARG A 178 8.17 -26.78 -2.18
C ARG A 178 8.71 -28.18 -2.38
N LYS A 179 10.03 -28.34 -2.43
CA LYS A 179 10.70 -29.56 -2.87
C LYS A 179 10.28 -30.14 -4.22
N ILE A 180 10.07 -29.30 -5.21
CA ILE A 180 9.96 -29.73 -6.60
C ILE A 180 11.28 -29.38 -7.30
N THR A 181 11.72 -30.18 -8.26
CA THR A 181 13.01 -29.96 -8.91
C THR A 181 12.85 -28.82 -9.85
N GLY A 182 13.67 -27.79 -9.68
CA GLY A 182 13.65 -26.60 -10.54
C GLY A 182 15.06 -26.36 -11.08
N LEU A 183 15.22 -26.22 -12.41
CA LEU A 183 16.46 -25.72 -12.93
C LEU A 183 16.20 -24.69 -13.93
N SER A 184 17.26 -24.02 -14.32
CA SER A 184 17.21 -23.06 -15.37
C SER A 184 18.33 -23.35 -16.41
N PHE A 185 18.05 -23.17 -17.71
CA PHE A 185 19.12 -23.15 -18.70
C PHE A 185 19.27 -21.72 -19.22
N ILE A 186 20.53 -21.27 -19.35
CA ILE A 186 20.84 -19.98 -19.91
C ILE A 186 21.82 -20.11 -21.09
N THR A 187 21.57 -19.32 -22.11
CA THR A 187 22.40 -19.38 -23.29
C THR A 187 22.78 -17.96 -23.73
N PRO A 188 24.03 -17.71 -24.10
CA PRO A 188 24.35 -16.38 -24.57
C PRO A 188 23.56 -16.05 -25.82
N THR A 189 23.06 -14.84 -25.90
CA THR A 189 22.28 -14.45 -27.06
C THR A 189 22.58 -12.99 -27.51
N SER A 190 22.70 -12.78 -28.81
CA SER A 190 23.08 -11.47 -29.35
C SER A 190 22.05 -10.37 -29.11
N VAL A 191 22.47 -9.24 -28.60
CA VAL A 191 21.48 -8.17 -28.36
C VAL A 191 21.02 -7.43 -29.63
N ASP A 192 21.93 -7.04 -30.50
CA ASP A 192 21.47 -6.24 -31.68
C ASP A 192 20.70 -7.10 -32.69
N ILE A 193 21.34 -8.15 -33.23
CA ILE A 193 20.75 -8.91 -34.34
C ILE A 193 20.00 -10.18 -33.92
N PRO A 194 19.00 -10.64 -34.72
CA PRO A 194 18.18 -11.80 -34.31
C PRO A 194 19.01 -13.07 -34.15
N ASP A 195 18.68 -13.91 -33.17
CA ASP A 195 19.59 -14.98 -32.77
C ASP A 195 18.94 -16.35 -32.52
N PRO A 196 18.48 -17.01 -33.58
CA PRO A 196 17.84 -18.33 -33.51
C PRO A 196 18.68 -19.46 -32.92
N GLY A 197 19.99 -19.40 -33.04
CA GLY A 197 20.85 -20.39 -32.38
C GLY A 197 20.77 -20.34 -30.86
N ALA A 198 20.36 -19.21 -30.28
CA ALA A 198 20.12 -19.15 -28.84
C ALA A 198 18.96 -20.13 -28.53
N VAL A 199 17.85 -19.91 -29.19
CA VAL A 199 16.75 -20.78 -29.01
C VAL A 199 17.10 -22.25 -29.31
N LEU A 200 17.79 -22.53 -30.39
CA LEU A 200 18.15 -23.89 -30.72
C LEU A 200 18.92 -24.58 -29.60
N SER A 201 19.91 -23.93 -29.01
CA SER A 201 20.67 -24.54 -27.92
C SER A 201 19.86 -24.91 -26.68
N ILE A 202 18.93 -24.00 -26.34
CA ILE A 202 18.07 -24.20 -25.20
C ILE A 202 17.20 -25.41 -25.49
N ILE A 203 16.67 -25.52 -26.72
CA ILE A 203 15.83 -26.67 -27.10
C ILE A 203 16.63 -27.98 -27.06
N GLU A 204 17.90 -27.91 -27.36
CA GLU A 204 18.69 -29.10 -27.33
C GLU A 204 19.00 -29.48 -25.90
N ALA A 205 19.26 -28.46 -25.06
CA ALA A 205 19.38 -28.65 -23.59
C ALA A 205 18.16 -29.42 -23.08
N ILE A 206 16.98 -28.91 -23.37
CA ILE A 206 15.81 -29.57 -22.91
C ILE A 206 15.70 -31.02 -23.40
N ASN A 207 16.07 -31.28 -24.66
CA ASN A 207 15.95 -32.64 -25.21
C ASN A 207 16.94 -33.58 -24.53
N LYS A 208 18.12 -33.09 -24.23
CA LYS A 208 19.10 -33.84 -23.50
C LYS A 208 18.68 -34.07 -22.05
N ALA A 209 18.05 -33.12 -21.40
CA ALA A 209 17.75 -33.32 -20.01
C ALA A 209 16.54 -34.21 -19.79
N TYR A 210 15.51 -34.08 -20.65
CA TYR A 210 14.15 -34.60 -20.37
C TYR A 210 13.59 -35.45 -21.46
N ASN A 211 14.36 -35.63 -22.52
CA ASN A 211 13.95 -36.50 -23.56
C ASN A 211 12.53 -36.23 -24.03
N LEU A 212 12.08 -35.00 -23.90
CA LEU A 212 10.98 -34.51 -24.70
C LEU A 212 11.63 -34.74 -26.01
N LYS A 213 10.93 -34.82 -27.13
CA LYS A 213 11.72 -34.90 -28.37
C LYS A 213 11.29 -33.83 -29.30
N ILE A 214 11.58 -32.61 -28.91
CA ILE A 214 11.19 -31.45 -29.66
C ILE A 214 12.06 -31.41 -30.95
N LYS A 215 11.43 -31.06 -32.06
CA LYS A 215 11.92 -31.41 -33.36
C LYS A 215 13.05 -30.56 -33.92
N THR A 216 13.01 -29.23 -33.80
CA THR A 216 13.99 -28.38 -34.60
C THR A 216 13.93 -28.31 -36.17
N ASP A 217 13.05 -29.08 -36.80
CA ASP A 217 12.73 -28.81 -38.21
C ASP A 217 12.19 -27.37 -38.41
N LEU A 218 12.86 -26.67 -39.34
CA LEU A 218 12.58 -25.25 -39.75
C LEU A 218 12.62 -24.28 -38.60
N LEU A 219 13.43 -24.57 -37.61
CA LEU A 219 13.47 -23.80 -36.37
C LEU A 219 14.02 -22.41 -36.62
N GLU A 220 14.94 -22.26 -37.54
CA GLU A 220 15.54 -20.96 -37.70
C GLU A 220 14.53 -20.03 -38.35
N GLU A 221 13.80 -20.53 -39.36
CA GLU A 221 12.82 -19.71 -40.01
C GLU A 221 11.71 -19.39 -39.08
N GLN A 222 11.30 -20.35 -38.27
CA GLN A 222 10.17 -20.07 -37.42
C GLN A 222 10.56 -19.05 -36.40
N VAL A 223 11.77 -19.11 -35.92
CA VAL A 223 12.14 -18.28 -34.79
C VAL A 223 12.50 -16.87 -35.22
N LYS A 224 13.06 -16.68 -36.41
CA LYS A 224 13.26 -15.35 -36.95
C LYS A 224 11.92 -14.65 -37.07
N ALA A 225 10.93 -15.36 -37.56
CA ALA A 225 9.61 -14.78 -37.71
C ALA A 225 9.11 -14.31 -36.35
N LEU A 226 9.24 -15.13 -35.32
CA LEU A 226 8.86 -14.73 -33.96
C LEU A 226 9.67 -13.57 -33.45
N ASP A 227 10.97 -13.59 -33.66
CA ASP A 227 11.79 -12.47 -33.30
C ASP A 227 11.25 -11.11 -33.77
N GLU A 228 10.98 -10.94 -35.07
CA GLU A 228 10.45 -9.65 -35.54
C GLU A 228 9.22 -9.29 -34.72
N GLN A 229 8.29 -10.22 -34.60
CA GLN A 229 7.10 -10.00 -33.78
C GLN A 229 7.41 -9.57 -32.34
N ILE A 230 8.20 -10.36 -31.63
CA ILE A 230 8.57 -10.01 -30.27
C ILE A 230 9.25 -8.63 -30.14
N LYS A 231 10.08 -8.30 -31.11
CA LYS A 231 10.80 -7.03 -31.16
C LYS A 231 9.82 -5.88 -31.25
N LYS A 232 8.81 -6.02 -32.10
CA LYS A 232 7.76 -5.01 -32.23
C LYS A 232 7.09 -4.72 -30.88
N ILE A 233 6.97 -5.73 -30.08
CA ILE A 233 6.27 -5.54 -28.85
C ILE A 233 7.17 -5.07 -27.70
N GLU A 234 8.40 -5.56 -27.67
CA GLU A 234 9.41 -5.03 -26.77
C GLU A 234 9.30 -3.51 -26.97
N GLU A 235 9.32 -3.08 -28.22
CA GLU A 235 9.42 -1.68 -28.57
C GLU A 235 8.22 -0.83 -28.32
N GLN A 236 7.03 -1.32 -28.61
CA GLN A 236 5.87 -0.51 -28.31
C GLN A 236 5.60 -0.53 -26.81
N TYR A 237 6.09 -1.55 -26.13
CA TYR A 237 5.88 -1.58 -24.70
C TYR A 237 6.79 -0.57 -24.01
N LYS A 238 8.02 -0.39 -24.49
CA LYS A 238 8.88 0.63 -23.90
C LYS A 238 8.24 2.00 -24.10
N GLU A 239 7.81 2.27 -25.34
CA GLU A 239 7.02 3.47 -25.67
C GLU A 239 5.81 3.69 -24.79
N LEU A 240 5.11 2.62 -24.46
CA LEU A 240 4.01 2.78 -23.54
C LEU A 240 4.62 3.20 -22.24
N GLN A 241 5.66 2.54 -21.76
CA GLN A 241 6.15 2.89 -20.45
C GLN A 241 6.75 4.29 -20.36
N GLU A 242 7.28 4.81 -21.45
CA GLU A 242 7.73 6.19 -21.44
C GLU A 242 6.54 7.15 -21.26
N LYS A 243 5.63 7.18 -22.23
CA LYS A 243 4.38 7.93 -22.11
C LYS A 243 3.63 7.80 -20.80
N GLN A 244 3.62 6.60 -20.21
CA GLN A 244 2.75 6.26 -19.04
C GLN A 244 2.94 7.19 -17.83
N LYS A 245 4.07 7.89 -17.78
CA LYS A 245 4.24 9.02 -16.86
C LYS A 245 2.96 9.93 -16.75
N GLU A 246 2.60 10.66 -17.83
CA GLU A 246 1.43 11.59 -17.82
C GLU A 246 0.10 10.88 -18.07
N ILE B 5 -12.51 -31.61 11.30
CA ILE B 5 -12.50 -32.80 10.46
C ILE B 5 -11.54 -32.63 9.28
N MET B 6 -10.50 -33.45 9.26
CA MET B 6 -9.51 -33.39 8.18
C MET B 6 -8.50 -34.53 8.30
N VAL B 7 -8.49 -35.41 7.31
CA VAL B 7 -7.59 -36.54 7.30
C VAL B 7 -6.22 -35.90 7.40
N ASN B 8 -5.22 -36.72 7.66
CA ASN B 8 -4.11 -36.31 8.45
C ASN B 8 -2.88 -37.18 8.35
N LYS B 9 -1.87 -36.70 7.67
CA LYS B 9 -0.75 -37.53 7.34
C LYS B 9 0.30 -37.60 8.40
N LYS B 10 0.94 -38.74 8.49
CA LYS B 10 1.88 -39.09 9.53
C LYS B 10 2.88 -38.04 9.99
N ALA B 11 3.75 -37.62 9.11
CA ALA B 11 4.85 -36.77 9.53
C ALA B 11 4.48 -35.34 9.81
N SER B 12 3.27 -34.95 9.45
CA SER B 12 2.89 -33.57 9.58
C SER B 12 2.25 -33.29 10.89
N GLU B 13 2.14 -34.27 11.76
CA GLU B 13 1.54 -33.92 13.08
C GLU B 13 1.97 -32.54 13.63
N SER B 14 3.27 -32.30 13.72
CA SER B 14 3.79 -31.12 14.41
C SER B 14 3.37 -29.81 13.69
N GLN B 15 2.86 -30.00 12.49
CA GLN B 15 2.22 -28.98 11.68
C GLN B 15 0.69 -28.81 11.84
N VAL B 16 -0.15 -29.87 11.65
CA VAL B 16 -1.61 -29.77 11.92
C VAL B 16 -1.76 -29.23 13.32
N MET B 17 -1.03 -29.80 14.28
CA MET B 17 -1.29 -29.55 15.70
C MET B 17 -0.48 -28.37 16.24
N GLU B 18 0.26 -27.66 15.37
CA GLU B 18 1.30 -26.68 15.78
C GLU B 18 2.05 -27.08 17.07
N LEU B 19 2.79 -28.18 16.97
CA LEU B 19 3.19 -29.11 18.07
C LEU B 19 4.67 -29.26 17.86
N GLU B 20 5.25 -28.19 17.35
CA GLU B 20 6.53 -28.19 16.68
C GLU B 20 7.75 -28.31 17.62
N LYS B 21 7.59 -27.85 18.87
CA LYS B 21 8.62 -27.91 19.94
C LYS B 21 9.00 -29.34 20.34
N ARG B 22 8.25 -30.27 19.80
CA ARG B 22 8.26 -31.63 20.27
C ARG B 22 9.43 -32.31 19.60
N ASN B 23 9.79 -31.86 18.40
CA ASN B 23 10.94 -32.43 17.69
C ASN B 23 12.35 -31.89 18.13
N TYR B 24 12.41 -30.87 18.98
CA TYR B 24 13.70 -30.21 19.26
C TYR B 24 13.92 -30.28 20.73
N ASN B 25 15.16 -30.43 21.19
CA ASN B 25 15.46 -30.49 22.63
C ASN B 25 16.00 -29.17 23.17
N ASN B 26 15.16 -28.13 23.15
CA ASN B 26 15.41 -26.85 23.86
C ASN B 26 16.56 -25.98 23.33
N PRO B 27 16.61 -25.75 22.02
CA PRO B 27 17.88 -25.33 21.45
C PRO B 27 18.33 -23.88 21.69
N VAL B 28 19.64 -23.71 21.71
CA VAL B 28 20.21 -22.39 21.53
C VAL B 28 20.19 -22.14 20.02
N VAL B 29 19.72 -20.97 19.62
CA VAL B 29 19.70 -20.63 18.21
C VAL B 29 20.73 -19.56 17.91
N LEU B 30 21.66 -19.84 17.02
CA LEU B 30 22.70 -18.87 16.60
C LEU B 30 22.29 -18.29 15.22
N CYS B 31 22.48 -16.98 15.04
CA CYS B 31 22.07 -16.27 13.82
C CYS B 31 23.17 -15.51 13.10
N GLY B 32 23.11 -15.54 11.77
CA GLY B 32 24.02 -14.83 10.92
C GLY B 32 23.23 -14.16 9.81
N PHE B 33 23.35 -12.86 9.69
CA PHE B 33 22.65 -12.11 8.67
C PHE B 33 23.57 -11.31 7.78
N ALA B 34 23.30 -11.22 6.50
CA ALA B 34 24.09 -10.31 5.67
C ALA B 34 23.81 -8.90 6.21
N GLY B 35 24.86 -8.15 6.57
CA GLY B 35 24.75 -6.82 7.12
C GLY B 35 25.89 -5.92 6.65
N SER B 36 26.51 -5.20 7.59
CA SER B 36 27.69 -4.38 7.24
C SER B 36 28.80 -5.38 7.07
N THR B 37 29.48 -5.75 8.14
CA THR B 37 30.48 -6.82 8.02
C THR B 37 29.75 -8.06 7.57
N PRO B 38 30.44 -9.01 6.94
CA PRO B 38 29.92 -10.33 6.60
C PRO B 38 30.24 -11.41 7.60
N THR B 39 30.84 -11.06 8.74
CA THR B 39 31.33 -12.09 9.67
C THR B 39 30.19 -12.94 10.25
N GLY B 40 29.09 -12.32 10.65
CA GLY B 40 27.87 -13.04 11.04
C GLY B 40 27.49 -14.26 10.19
N VAL B 41 27.25 -14.04 8.90
CA VAL B 41 26.83 -15.15 8.03
C VAL B 41 27.99 -16.11 7.71
N LEU B 42 29.22 -15.61 7.58
CA LEU B 42 30.36 -16.52 7.52
C LEU B 42 30.42 -17.42 8.76
N ALA B 43 30.21 -16.87 9.95
CA ALA B 43 30.26 -17.72 11.12
C ALA B 43 29.11 -18.72 11.10
N ALA B 44 27.90 -18.33 10.70
CA ALA B 44 26.82 -19.31 10.50
C ALA B 44 27.28 -20.51 9.61
N SER B 45 27.64 -20.23 8.35
CA SER B 45 28.13 -21.26 7.43
C SER B 45 29.16 -22.18 8.01
N TYR B 46 30.17 -21.60 8.64
CA TYR B 46 31.28 -22.38 9.11
C TYR B 46 30.75 -23.36 10.14
N ILE B 47 29.88 -22.87 11.02
CA ILE B 47 29.40 -23.73 12.06
C ILE B 47 28.47 -24.79 11.44
N VAL B 48 27.56 -24.38 10.57
CA VAL B 48 26.70 -25.33 9.89
C VAL B 48 27.57 -26.43 9.28
N GLU B 49 28.77 -26.09 8.80
CA GLU B 49 29.60 -27.11 8.15
C GLU B 49 30.40 -27.96 9.13
N THR B 50 31.04 -27.33 10.11
CA THR B 50 31.87 -28.08 11.03
C THR B 50 31.02 -28.88 12.00
N LEU B 51 29.86 -28.42 12.42
CA LEU B 51 29.02 -29.33 13.19
C LEU B 51 28.21 -30.27 12.26
N GLY B 52 28.47 -30.25 10.95
CA GLY B 52 27.64 -31.07 10.04
C GLY B 52 26.16 -31.10 10.42
N MET B 53 25.52 -29.93 10.41
CA MET B 53 24.10 -29.74 10.72
C MET B 53 23.31 -29.92 9.45
N HIS B 54 22.02 -30.24 9.60
CA HIS B 54 21.13 -30.55 8.45
C HIS B 54 20.02 -29.52 8.38
N GLN B 55 19.58 -29.24 7.18
CA GLN B 55 18.55 -28.24 7.01
C GLN B 55 17.27 -28.72 7.67
N VAL B 56 16.49 -27.79 8.17
CA VAL B 56 15.34 -28.13 8.99
C VAL B 56 14.12 -27.25 8.63
N ALA B 57 14.35 -26.07 8.00
CA ALA B 57 13.29 -25.14 7.68
C ALA B 57 13.72 -24.03 6.74
N HIS B 58 12.74 -23.35 6.19
CA HIS B 58 12.98 -22.13 5.43
C HIS B 58 12.06 -20.99 5.92
N LEU B 59 12.51 -19.76 5.83
CA LEU B 59 11.66 -18.62 6.04
C LEU B 59 11.18 -18.12 4.71
N ILE B 60 9.88 -18.06 4.56
CA ILE B 60 9.28 -17.68 3.32
C ILE B 60 8.54 -16.35 3.54
N SER B 61 8.69 -15.42 2.63
CA SER B 61 8.09 -14.10 2.80
C SER B 61 8.28 -13.29 1.55
N GLN B 62 7.25 -12.54 1.23
CA GLN B 62 7.34 -11.56 0.20
C GLN B 62 8.47 -10.58 0.39
N HIS B 63 9.00 -10.47 1.60
CA HIS B 63 9.98 -9.42 1.89
C HIS B 63 11.42 -9.93 2.07
N ILE B 64 11.69 -11.13 1.61
CA ILE B 64 13.03 -11.59 1.42
C ILE B 64 13.19 -11.41 -0.09
N PRO B 65 14.26 -10.78 -0.51
CA PRO B 65 14.58 -10.65 -1.90
C PRO B 65 14.38 -11.97 -2.63
N PRO B 66 13.51 -11.98 -3.62
CA PRO B 66 13.04 -13.21 -4.21
C PRO B 66 14.05 -13.73 -5.22
N VAL B 67 15.23 -13.98 -4.69
CA VAL B 67 16.40 -14.17 -5.45
C VAL B 67 16.98 -15.48 -4.97
N ALA B 68 17.49 -16.32 -5.86
CA ALA B 68 18.08 -17.61 -5.44
C ALA B 68 19.60 -17.46 -5.40
N VAL B 69 20.27 -18.16 -4.50
CA VAL B 69 21.71 -18.02 -4.44
C VAL B 69 22.44 -19.21 -5.06
N PHE B 70 23.39 -18.93 -5.94
CA PHE B 70 24.09 -19.93 -6.70
C PHE B 70 25.60 -19.81 -6.64
N VAL B 71 26.10 -19.17 -5.63
CA VAL B 71 27.56 -19.18 -5.43
C VAL B 71 28.18 -20.58 -5.10
N GLY B 72 29.32 -20.84 -5.70
CA GLY B 72 29.99 -22.11 -5.50
C GLY B 72 29.20 -23.24 -6.10
N GLY B 73 28.40 -22.90 -7.11
CA GLY B 73 27.53 -23.88 -7.76
C GLY B 73 26.74 -24.75 -6.82
N LYS B 74 26.34 -24.21 -5.69
CA LYS B 74 25.36 -24.88 -4.90
C LYS B 74 24.17 -23.89 -4.78
N LEU B 75 23.03 -24.33 -5.31
CA LEU B 75 21.79 -23.57 -5.39
C LEU B 75 21.04 -23.62 -4.09
N ARG B 76 20.71 -22.48 -3.47
CA ARG B 76 19.77 -22.47 -2.35
C ARG B 76 18.95 -21.25 -2.22
N HIS B 77 17.91 -21.41 -1.41
CA HIS B 77 17.13 -20.33 -0.90
C HIS B 77 18.06 -19.49 -0.02
N PRO B 78 17.81 -18.17 0.06
CA PRO B 78 18.72 -17.33 0.86
C PRO B 78 18.49 -17.41 2.39
N PHE B 79 17.29 -17.81 2.83
CA PHE B 79 16.99 -17.85 4.26
C PHE B 79 16.72 -19.29 4.78
N ARG B 80 17.57 -19.82 5.62
CA ARG B 80 17.53 -21.21 5.96
C ARG B 80 17.85 -21.45 7.40
N ILE B 81 17.32 -22.55 7.90
CA ILE B 81 17.53 -22.94 9.28
C ILE B 81 18.05 -24.36 9.32
N TYR B 82 19.01 -24.57 10.21
CA TYR B 82 19.64 -25.83 10.37
C TYR B 82 19.64 -26.18 11.81
N ALA B 83 19.87 -27.47 12.05
CA ALA B 83 19.87 -28.10 13.37
C ALA B 83 20.98 -29.14 13.35
N ASN B 84 21.66 -29.28 14.49
CA ASN B 84 22.55 -30.40 14.69
C ASN B 84 21.71 -31.64 14.78
N ASN B 85 22.42 -32.72 15.07
CA ASN B 85 21.82 -34.00 15.33
C ASN B 85 20.85 -34.07 16.53
N SER B 86 21.29 -33.67 17.73
CA SER B 86 20.43 -33.76 18.94
C SER B 86 19.37 -32.67 19.01
N ASN B 87 19.18 -31.97 17.91
CA ASN B 87 18.36 -30.78 17.93
C ASN B 87 18.55 -29.88 19.18
N THR B 88 19.79 -29.73 19.61
CA THR B 88 20.10 -28.83 20.72
C THR B 88 20.73 -27.50 20.30
N VAL B 89 21.28 -27.46 19.08
CA VAL B 89 21.75 -26.21 18.46
C VAL B 89 21.03 -25.99 17.13
N LEU B 90 20.42 -24.83 16.95
CA LEU B 90 19.95 -24.43 15.63
C LEU B 90 20.83 -23.28 15.06
N VAL B 91 20.84 -23.11 13.75
CA VAL B 91 21.49 -21.98 13.17
C VAL B 91 20.60 -21.39 12.12
N ALA B 92 20.23 -20.13 12.31
CA ALA B 92 19.41 -19.38 11.37
C ALA B 92 20.25 -18.46 10.56
N MET B 93 20.30 -18.61 9.25
CA MET B 93 21.08 -17.68 8.42
C MET B 93 20.41 -17.19 7.18
N CYS B 94 20.88 -16.03 6.76
CA CYS B 94 20.28 -15.40 5.64
C CYS B 94 21.29 -14.65 4.85
N GLU B 95 21.50 -15.10 3.62
CA GLU B 95 22.69 -14.71 2.92
C GLU B 95 22.59 -13.46 2.16
N VAL B 96 21.39 -12.90 1.99
CA VAL B 96 21.25 -11.67 1.22
C VAL B 96 20.71 -10.60 2.14
N PRO B 97 21.05 -9.35 1.87
CA PRO B 97 20.66 -8.35 2.85
C PRO B 97 19.15 -8.12 2.91
N ILE B 98 18.65 -7.74 4.07
CA ILE B 98 17.26 -7.47 4.22
C ILE B 98 17.08 -5.98 4.28
N SER B 99 16.17 -5.50 3.45
CA SER B 99 15.80 -4.12 3.43
C SER B 99 15.26 -3.77 4.78
N SER B 100 15.71 -2.64 5.30
CA SER B 100 15.37 -2.20 6.63
C SER B 100 13.92 -1.86 6.73
N ALA B 101 13.29 -1.49 5.61
CA ALA B 101 11.84 -1.28 5.60
C ALA B 101 11.12 -2.55 5.95
N HIS B 102 11.77 -3.74 5.97
CA HIS B 102 11.06 -4.99 6.38
C HIS B 102 11.57 -5.74 7.58
N ILE B 103 12.58 -5.19 8.23
CA ILE B 103 13.18 -5.79 9.40
C ILE B 103 12.14 -6.33 10.40
N TYR B 104 11.06 -5.59 10.61
CA TYR B 104 10.13 -5.93 11.67
C TYR B 104 9.41 -7.23 11.41
N GLU B 105 8.93 -7.33 10.17
CA GLU B 105 8.15 -8.46 9.77
C GLU B 105 9.09 -9.67 9.62
N ILE B 106 10.21 -9.53 8.95
CA ILE B 106 11.04 -10.70 8.88
C ILE B 106 11.45 -11.16 10.28
N SER B 107 11.80 -10.22 11.17
CA SER B 107 12.05 -10.55 12.59
C SER B 107 10.89 -11.24 13.28
N ASN B 108 9.72 -10.80 12.97
CA ASN B 108 8.60 -11.34 13.64
C ASN B 108 8.22 -12.77 13.13
N THR B 109 8.34 -13.01 11.83
CA THR B 109 8.16 -14.33 11.35
C THR B 109 9.17 -15.25 11.98
N LEU B 110 10.42 -14.81 12.00
CA LEU B 110 11.50 -15.65 12.47
C LEU B 110 11.29 -15.97 13.94
N MET B 111 10.97 -14.94 14.73
CA MET B 111 10.86 -15.15 16.16
C MET B 111 9.67 -16.00 16.51
N ASN B 112 8.67 -15.91 15.69
CA ASN B 112 7.54 -16.75 15.85
C ASN B 112 7.84 -18.20 15.79
N TRP B 113 8.59 -18.59 14.78
CA TRP B 113 8.96 -19.97 14.59
C TRP B 113 9.92 -20.39 15.68
N ILE B 114 10.84 -19.53 16.00
CA ILE B 114 11.83 -19.87 16.98
C ILE B 114 11.17 -20.04 18.30
N ASP B 115 10.20 -19.20 18.57
CA ASP B 115 9.50 -19.23 19.82
C ASP B 115 8.80 -20.54 19.90
N GLN B 116 8.13 -20.90 18.81
CA GLN B 116 7.38 -22.14 18.71
C GLN B 116 8.16 -23.42 18.83
N VAL B 117 9.43 -23.36 18.60
CA VAL B 117 10.24 -24.54 18.56
C VAL B 117 10.79 -24.78 19.98
N GLY B 118 10.34 -24.00 20.95
CA GLY B 118 10.91 -24.02 22.30
C GLY B 118 12.37 -23.58 22.48
N ALA B 119 12.86 -22.70 21.61
CA ALA B 119 14.24 -22.19 21.74
C ALA B 119 14.44 -21.65 23.13
N SER B 120 15.63 -21.88 23.67
CA SER B 120 16.01 -21.35 24.98
C SER B 120 16.74 -20.00 24.89
N GLU B 121 17.71 -19.89 23.96
CA GLU B 121 18.48 -18.65 23.75
C GLU B 121 18.67 -18.34 22.28
N ILE B 122 18.59 -17.05 21.95
CA ILE B 122 18.97 -16.53 20.65
C ILE B 122 20.27 -15.78 20.79
N VAL B 123 21.19 -16.01 19.88
CA VAL B 123 22.51 -15.39 19.92
C VAL B 123 22.79 -14.84 18.53
N ILE B 124 22.70 -13.53 18.36
CA ILE B 124 22.97 -12.93 17.06
C ILE B 124 24.46 -12.78 16.92
N MET B 125 25.01 -13.22 15.80
CA MET B 125 26.45 -13.10 15.51
C MET B 125 26.70 -11.96 14.51
N GLU B 126 27.52 -10.99 14.90
CA GLU B 126 27.83 -9.83 14.05
C GLU B 126 29.26 -9.39 14.19
N GLY B 127 29.81 -8.90 13.10
CA GLY B 127 31.04 -8.09 13.16
C GLY B 127 30.68 -6.62 13.12
N SER B 128 31.56 -5.75 13.62
CA SER B 128 31.40 -4.30 13.39
C SER B 128 32.56 -3.81 12.52
N PRO B 129 32.26 -2.94 11.53
CA PRO B 129 33.30 -2.45 10.68
C PRO B 129 34.37 -1.75 11.46
N ALA B 130 35.63 -2.10 11.23
CA ALA B 130 36.77 -1.51 11.92
C ALA B 130 37.87 -1.19 10.91
N ASN B 131 38.81 -0.33 11.29
CA ASN B 131 40.10 -0.33 10.59
C ASN B 131 41.10 -0.62 11.69
N GLY B 132 41.70 -1.79 11.63
CA GLY B 132 42.22 -2.39 12.83
C GLY B 132 43.07 -3.61 12.59
N ILE B 133 42.96 -4.67 13.37
CA ILE B 133 42.03 -4.90 14.44
C ILE B 133 42.96 -5.03 15.63
N PRO B 134 42.48 -4.85 16.87
CA PRO B 134 43.40 -5.13 17.96
C PRO B 134 44.08 -6.51 17.82
N GLU B 135 45.30 -6.63 18.33
CA GLU B 135 46.11 -7.83 18.17
C GLU B 135 45.41 -9.01 18.85
N GLU B 136 45.01 -8.84 20.10
CA GLU B 136 44.07 -9.79 20.71
C GLU B 136 42.68 -9.26 20.40
N ARG B 137 41.92 -9.94 19.57
CA ARG B 137 40.62 -9.35 19.20
C ARG B 137 39.55 -9.52 20.27
N PRO B 138 38.88 -8.41 20.63
CA PRO B 138 37.78 -8.48 21.58
C PRO B 138 36.48 -8.93 20.94
N VAL B 139 35.60 -9.47 21.76
CA VAL B 139 34.24 -9.77 21.38
C VAL B 139 33.42 -9.07 22.43
N PHE B 140 32.46 -8.24 22.01
CA PHE B 140 31.55 -7.54 22.94
C PHE B 140 30.15 -8.14 22.96
N ALA B 141 29.38 -7.84 23.99
CA ALA B 141 28.06 -8.44 24.11
C ALA B 141 27.05 -7.36 24.18
N VAL B 142 25.91 -7.56 23.52
CA VAL B 142 24.66 -6.88 23.94
C VAL B 142 23.65 -7.90 24.49
N ALA B 143 23.14 -7.64 25.69
CA ALA B 143 22.36 -8.58 26.49
C ALA B 143 21.79 -7.86 27.73
N GLU B 144 20.97 -8.56 28.51
CA GLU B 144 20.47 -7.99 29.75
C GLU B 144 21.46 -8.17 30.88
N LYS B 145 21.28 -7.40 31.94
CA LYS B 145 22.34 -7.22 32.96
C LYS B 145 22.85 -8.53 33.56
N PRO B 146 21.96 -9.48 33.87
CA PRO B 146 22.46 -10.75 34.39
C PRO B 146 23.42 -11.50 33.46
N LYS B 147 23.09 -11.53 32.17
CA LYS B 147 23.94 -12.17 31.15
C LYS B 147 25.17 -11.35 30.87
N LEU B 148 25.08 -10.02 30.94
CA LEU B 148 26.26 -9.17 30.76
C LEU B 148 27.33 -9.45 31.81
N ASP B 149 26.87 -9.79 33.01
CA ASP B 149 27.74 -10.08 34.12
C ASP B 149 28.50 -11.41 33.97
N LYS B 150 27.80 -12.52 33.75
CA LYS B 150 28.46 -13.81 33.43
C LYS B 150 29.54 -13.60 32.37
N PHE B 151 29.21 -12.81 31.34
CA PHE B 151 30.13 -12.59 30.24
C PHE B 151 31.34 -11.78 30.67
N LYS B 152 31.08 -10.82 31.55
CA LYS B 152 32.13 -9.98 32.13
C LYS B 152 33.26 -10.84 32.66
N LYS B 153 32.91 -11.83 33.47
CA LYS B 153 33.84 -12.88 33.89
C LYS B 153 34.60 -13.43 32.68
N ALA B 154 33.86 -13.93 31.69
CA ALA B 154 34.45 -14.61 30.52
C ALA B 154 35.43 -13.77 29.71
N GLY B 155 35.49 -12.44 29.95
CA GLY B 155 36.40 -11.56 29.22
C GLY B 155 35.65 -10.63 28.30
N ILE B 156 34.51 -11.10 27.77
CA ILE B 156 33.59 -10.32 26.91
C ILE B 156 32.91 -9.23 27.72
N GLN B 157 32.76 -8.05 27.17
CA GLN B 157 31.95 -7.05 27.88
C GLN B 157 31.10 -6.10 27.01
N PRO B 158 30.33 -5.20 27.64
CA PRO B 158 29.28 -4.59 26.89
C PRO B 158 29.73 -3.94 25.62
N ALA B 159 28.94 -4.09 24.57
CA ALA B 159 29.08 -3.24 23.41
C ALA B 159 28.82 -1.80 23.80
N ASP B 160 29.45 -0.90 23.09
CA ASP B 160 29.36 0.52 23.30
C ASP B 160 28.50 1.02 22.19
N SER B 161 27.19 1.01 22.38
CA SER B 161 26.36 1.65 21.37
C SER B 161 24.98 1.98 21.91
N ALA B 162 24.34 2.99 21.31
CA ALA B 162 23.11 3.52 21.85
C ALA B 162 21.88 2.75 21.32
N ILE B 163 21.84 2.43 20.03
CA ILE B 163 20.77 1.65 19.48
C ILE B 163 21.39 0.44 18.77
N ILE B 164 20.62 -0.63 18.58
CA ILE B 164 21.03 -1.81 17.81
C ILE B 164 20.05 -1.88 16.68
N ALA B 165 20.55 -1.78 15.46
CA ALA B 165 19.69 -1.84 14.28
C ALA B 165 19.89 -3.18 13.57
N GLY B 166 19.49 -3.21 12.29
CA GLY B 166 19.55 -4.41 11.49
C GLY B 166 18.58 -5.43 12.00
N MET B 167 18.80 -6.69 11.61
CA MET B 167 17.91 -7.76 12.05
C MET B 167 18.13 -8.06 13.54
N GLY B 168 19.30 -7.67 14.02
CA GLY B 168 19.65 -7.92 15.38
C GLY B 168 18.80 -7.02 16.26
N GLY B 169 18.58 -5.79 15.84
CA GLY B 169 17.72 -4.89 16.58
C GLY B 169 16.33 -5.47 16.59
N GLY B 170 15.86 -5.99 15.48
CA GLY B 170 14.51 -6.48 15.45
C GLY B 170 14.28 -7.73 16.31
N ILE B 171 15.22 -8.66 16.19
CA ILE B 171 15.21 -9.89 16.93
C ILE B 171 15.35 -9.60 18.37
N LEU B 172 16.34 -8.86 18.78
CA LEU B 172 16.38 -8.46 20.21
C LEU B 172 15.05 -7.83 20.73
N ASN B 173 14.40 -6.97 19.96
CA ASN B 173 13.17 -6.41 20.44
C ASN B 173 12.12 -7.48 20.62
N GLU B 174 12.06 -8.44 19.70
CA GLU B 174 11.08 -9.52 19.85
C GLU B 174 11.39 -10.33 21.13
N CYS B 175 12.65 -10.68 21.30
CA CYS B 175 13.09 -11.44 22.44
C CYS B 175 12.75 -10.77 23.73
N LEU B 176 12.84 -9.46 23.75
CA LEU B 176 12.47 -8.70 24.92
C LEU B 176 10.97 -8.81 25.17
N VAL B 177 10.13 -8.40 24.24
CA VAL B 177 8.69 -8.50 24.46
C VAL B 177 8.15 -9.93 24.77
N ARG B 178 8.65 -10.92 24.06
CA ARG B 178 8.38 -12.35 24.31
C ARG B 178 8.98 -12.97 25.59
N LYS B 179 9.80 -12.21 26.31
CA LYS B 179 10.52 -12.73 27.48
C LYS B 179 11.37 -13.96 27.20
N ILE B 180 12.08 -13.97 26.08
CA ILE B 180 13.06 -15.00 25.75
C ILE B 180 14.45 -14.34 25.87
N THR B 181 15.46 -15.15 26.19
CA THR B 181 16.83 -14.70 26.21
C THR B 181 17.36 -14.53 24.81
N GLY B 182 17.88 -13.35 24.55
CA GLY B 182 18.43 -12.92 23.29
C GLY B 182 19.65 -12.05 23.59
N LEU B 183 20.74 -12.34 22.89
CA LEU B 183 21.96 -11.59 23.10
C LEU B 183 22.70 -11.54 21.79
N SER B 184 23.73 -10.74 21.77
CA SER B 184 24.48 -10.59 20.58
C SER B 184 25.92 -10.45 20.87
N PHE B 185 26.72 -11.10 20.05
CA PHE B 185 28.15 -11.10 20.20
C PHE B 185 28.69 -10.35 18.99
N ILE B 186 29.45 -9.28 19.24
CA ILE B 186 30.04 -8.46 18.21
C ILE B 186 31.54 -8.51 18.32
N THR B 187 32.20 -8.42 17.20
CA THR B 187 33.61 -8.35 17.16
C THR B 187 33.97 -7.43 15.99
N PRO B 188 34.93 -6.54 16.18
CA PRO B 188 35.40 -5.71 15.12
C PRO B 188 35.90 -6.57 13.99
N THR B 189 35.59 -6.21 12.75
CA THR B 189 36.09 -6.96 11.60
C THR B 189 36.48 -6.00 10.52
N SER B 190 37.54 -6.31 9.81
CA SER B 190 38.11 -5.42 8.84
C SER B 190 37.27 -5.32 7.55
N VAL B 191 36.81 -4.10 7.26
CA VAL B 191 36.08 -3.76 6.01
C VAL B 191 36.75 -4.27 4.72
N ASP B 192 38.01 -3.90 4.56
CA ASP B 192 38.72 -4.01 3.27
C ASP B 192 38.99 -5.46 2.84
N ILE B 193 39.51 -6.25 3.78
CA ILE B 193 40.10 -7.56 3.51
C ILE B 193 39.32 -8.73 4.21
N PRO B 194 39.43 -9.98 3.67
CA PRO B 194 38.91 -11.16 4.41
C PRO B 194 39.35 -11.08 5.85
N ASP B 195 38.52 -11.45 6.81
CA ASP B 195 38.89 -11.32 8.20
C ASP B 195 38.47 -12.58 8.97
N PRO B 196 39.07 -13.70 8.62
CA PRO B 196 38.72 -14.95 9.28
C PRO B 196 38.94 -14.96 10.81
N GLY B 197 39.81 -14.12 11.33
CA GLY B 197 40.00 -14.08 12.77
C GLY B 197 38.74 -13.57 13.37
N ALA B 198 38.02 -12.75 12.64
CA ALA B 198 36.73 -12.26 13.12
C ALA B 198 35.84 -13.45 13.44
N VAL B 199 35.71 -14.38 12.51
CA VAL B 199 34.92 -15.60 12.76
C VAL B 199 35.55 -16.44 13.87
N LEU B 200 36.87 -16.58 13.86
CA LEU B 200 37.54 -17.30 14.93
C LEU B 200 37.26 -16.69 16.29
N SER B 201 36.95 -15.41 16.37
CA SER B 201 36.64 -14.85 17.68
C SER B 201 35.23 -15.22 18.12
N ILE B 202 34.27 -15.22 17.20
CA ILE B 202 32.88 -15.44 17.58
C ILE B 202 32.70 -16.89 18.10
N ILE B 203 33.34 -17.81 17.39
CA ILE B 203 33.33 -19.23 17.73
C ILE B 203 33.89 -19.42 19.11
N GLU B 204 35.10 -18.95 19.35
CA GLU B 204 35.60 -19.11 20.70
C GLU B 204 34.64 -18.59 21.74
N ALA B 205 34.08 -17.40 21.52
CA ALA B 205 33.12 -16.88 22.49
C ALA B 205 31.99 -17.90 22.67
N ILE B 206 31.39 -18.35 21.57
CA ILE B 206 30.32 -19.34 21.61
C ILE B 206 30.75 -20.66 22.22
N ASN B 207 31.95 -21.11 21.86
CA ASN B 207 32.48 -22.35 22.39
C ASN B 207 32.57 -22.26 23.86
N LYS B 208 32.89 -21.08 24.38
CA LYS B 208 33.14 -20.91 25.79
C LYS B 208 31.89 -20.51 26.57
N ALA B 209 30.87 -19.94 25.93
CA ALA B 209 29.65 -19.53 26.68
C ALA B 209 28.52 -20.57 26.59
N TYR B 210 28.64 -21.53 25.68
CA TYR B 210 27.61 -22.55 25.49
C TYR B 210 28.21 -23.91 25.28
N ASN B 211 29.53 -24.01 25.37
CA ASN B 211 30.18 -25.30 25.41
C ASN B 211 29.70 -26.20 24.27
N LEU B 212 29.52 -25.63 23.08
CA LEU B 212 29.39 -26.44 21.85
C LEU B 212 30.82 -26.77 21.64
N LYS B 213 31.15 -27.48 20.59
CA LYS B 213 32.57 -27.80 20.50
C LYS B 213 33.02 -27.72 19.09
N ILE B 214 33.05 -26.51 18.57
CA ILE B 214 33.26 -26.30 17.15
C ILE B 214 34.76 -26.22 16.93
N LYS B 215 35.26 -27.01 16.00
CA LYS B 215 36.67 -27.40 15.98
C LYS B 215 37.80 -26.35 15.71
N THR B 216 37.67 -25.51 14.67
CA THR B 216 38.66 -24.39 14.39
C THR B 216 40.02 -24.67 13.61
N ASP B 217 40.48 -25.94 13.53
CA ASP B 217 41.48 -26.32 12.49
C ASP B 217 40.70 -26.12 11.21
N LEU B 218 41.33 -25.74 10.10
CA LEU B 218 40.55 -25.53 8.86
C LEU B 218 39.63 -24.27 8.82
N LEU B 219 39.59 -23.46 9.89
CA LEU B 219 38.70 -22.28 9.88
C LEU B 219 39.18 -21.26 8.84
N GLU B 220 40.40 -20.74 9.04
CA GLU B 220 40.98 -19.76 8.12
C GLU B 220 40.83 -20.24 6.68
N GLU B 221 41.20 -21.48 6.42
CA GLU B 221 41.10 -22.00 5.06
C GLU B 221 39.68 -21.91 4.49
N GLN B 222 38.73 -22.43 5.27
CA GLN B 222 37.35 -22.48 4.84
C GLN B 222 36.63 -21.13 4.84
N VAL B 223 36.86 -20.32 5.90
CA VAL B 223 36.26 -18.97 6.02
C VAL B 223 36.78 -18.06 4.93
N LYS B 224 38.03 -18.22 4.52
CA LYS B 224 38.52 -17.47 3.36
C LYS B 224 37.82 -17.88 2.04
N ALA B 225 37.50 -19.18 1.88
CA ALA B 225 36.83 -19.67 0.67
C ALA B 225 35.45 -19.11 0.58
N LEU B 226 34.80 -19.07 1.75
CA LEU B 226 33.45 -18.55 1.87
C LEU B 226 33.36 -17.04 1.67
N ASP B 227 34.41 -16.34 2.09
CA ASP B 227 34.43 -14.89 2.07
C ASP B 227 34.47 -14.43 0.64
N GLU B 228 35.19 -15.17 -0.19
CA GLU B 228 35.21 -14.88 -1.62
C GLU B 228 33.81 -15.08 -2.15
N GLN B 229 33.18 -16.18 -1.74
CA GLN B 229 31.80 -16.44 -2.12
C GLN B 229 30.83 -15.33 -1.72
N ILE B 230 30.83 -14.89 -0.46
CA ILE B 230 29.88 -13.86 -0.03
C ILE B 230 30.15 -12.48 -0.61
N LYS B 231 31.40 -12.22 -0.94
CA LYS B 231 31.72 -10.98 -1.62
C LYS B 231 31.10 -10.98 -2.99
N LYS B 232 31.23 -12.08 -3.72
CA LYS B 232 30.67 -12.17 -5.06
C LYS B 232 29.21 -11.79 -5.01
N ILE B 233 28.50 -12.33 -4.05
CA ILE B 233 27.08 -12.17 -3.96
C ILE B 233 26.59 -10.82 -3.55
N GLU B 234 27.16 -10.28 -2.46
CA GLU B 234 27.02 -8.86 -2.09
C GLU B 234 27.26 -7.95 -3.32
N GLU B 235 28.39 -8.16 -3.98
CA GLU B 235 28.72 -7.42 -5.17
C GLU B 235 27.61 -7.45 -6.21
N GLN B 236 27.10 -8.65 -6.46
CA GLN B 236 26.17 -8.90 -7.53
C GLN B 236 24.80 -8.44 -7.14
N TYR B 237 24.48 -8.49 -5.84
CA TYR B 237 23.20 -7.99 -5.38
C TYR B 237 23.10 -6.46 -5.46
N LYS B 238 24.20 -5.76 -5.21
CA LYS B 238 24.25 -4.30 -5.32
C LYS B 238 24.03 -3.91 -6.77
N GLU B 239 24.71 -4.60 -7.69
CA GLU B 239 24.49 -4.36 -9.12
C GLU B 239 23.07 -4.58 -9.57
N LEU B 240 22.37 -5.56 -8.97
CA LEU B 240 21.02 -5.87 -9.36
C LEU B 240 20.09 -4.72 -8.93
N GLN B 241 20.22 -4.30 -7.68
CA GLN B 241 19.46 -3.17 -7.15
C GLN B 241 19.64 -1.89 -7.98
N GLU B 242 20.87 -1.62 -8.42
CA GLU B 242 21.20 -0.55 -9.33
C GLU B 242 20.31 -0.65 -10.57
N LYS B 243 20.44 -1.76 -11.29
CA LYS B 243 19.70 -2.02 -12.53
C LYS B 243 18.21 -1.79 -12.43
N GLN B 244 17.62 -2.22 -11.31
CA GLN B 244 16.15 -2.25 -11.12
C GLN B 244 15.40 -0.90 -11.27
N LYS B 245 16.12 0.20 -11.07
CA LYS B 245 15.54 1.56 -11.10
C LYS B 245 14.83 2.00 -12.43
N GLU B 246 14.96 1.21 -13.50
CA GLU B 246 14.14 1.38 -14.74
C GLU B 246 13.15 0.21 -14.88
N MET C 4 -13.98 -20.22 20.40
CA MET C 4 -15.33 -20.46 21.01
C MET C 4 -15.20 -21.14 22.42
N ILE C 5 -14.39 -22.21 22.51
CA ILE C 5 -14.31 -23.09 23.71
C ILE C 5 -12.85 -23.41 24.17
N MET C 6 -12.27 -22.55 24.97
CA MET C 6 -10.82 -22.50 25.21
C MET C 6 -10.40 -23.18 26.53
N VAL C 7 -9.11 -23.09 26.77
CA VAL C 7 -8.50 -23.47 28.01
C VAL C 7 -7.85 -22.24 28.61
N ASN C 8 -7.64 -22.17 29.90
CA ASN C 8 -7.54 -20.85 30.45
C ASN C 8 -6.63 -20.62 31.60
N LYS C 9 -5.55 -19.88 31.36
CA LYS C 9 -4.45 -19.83 32.28
C LYS C 9 -4.58 -18.71 33.25
N LYS C 10 -3.79 -18.75 34.29
CA LYS C 10 -4.02 -17.89 35.41
C LYS C 10 -3.90 -16.39 35.22
N ALA C 11 -2.72 -15.84 35.43
CA ALA C 11 -2.61 -14.40 35.32
C ALA C 11 -2.80 -13.93 33.89
N SER C 12 -3.71 -14.55 33.16
CA SER C 12 -3.95 -14.13 31.81
C SER C 12 -5.39 -13.75 31.56
N GLU C 13 -6.24 -13.89 32.55
CA GLU C 13 -7.61 -13.31 32.45
C GLU C 13 -7.71 -11.87 31.85
N SER C 14 -6.90 -10.91 32.27
CA SER C 14 -6.89 -9.54 31.68
C SER C 14 -6.96 -9.63 30.14
N GLN C 15 -6.09 -10.49 29.66
CA GLN C 15 -5.94 -10.83 28.28
C GLN C 15 -7.13 -11.60 27.70
N VAL C 16 -7.45 -12.85 28.18
CA VAL C 16 -8.47 -13.69 27.50
C VAL C 16 -9.76 -12.91 27.47
N MET C 17 -9.99 -12.08 28.48
CA MET C 17 -11.31 -11.51 28.70
C MET C 17 -11.44 -10.00 28.39
N GLU C 18 -10.33 -9.31 28.04
CA GLU C 18 -10.27 -7.84 27.94
C GLU C 18 -10.87 -7.19 29.19
N LEU C 19 -10.11 -7.25 30.29
CA LEU C 19 -10.62 -7.06 31.63
C LEU C 19 -9.48 -6.32 32.30
N GLU C 20 -8.98 -5.26 31.67
CA GLU C 20 -7.79 -4.63 32.24
C GLU C 20 -8.09 -3.71 33.42
N LYS C 21 -9.16 -2.91 33.29
CA LYS C 21 -9.47 -1.80 34.22
C LYS C 21 -9.47 -2.24 35.64
N ARG C 22 -9.75 -3.53 35.79
CA ARG C 22 -9.84 -4.21 37.08
C ARG C 22 -8.55 -4.07 37.91
N ASN C 23 -7.41 -4.01 37.24
CA ASN C 23 -6.14 -3.92 37.97
C ASN C 23 -5.45 -2.56 37.91
N TYR C 24 -6.22 -1.48 37.85
CA TYR C 24 -5.67 -0.15 37.71
C TYR C 24 -6.67 0.73 38.37
N ASN C 25 -6.24 1.63 39.24
CA ASN C 25 -7.17 2.56 39.93
C ASN C 25 -7.22 3.87 39.19
N ASN C 26 -7.72 3.79 37.97
CA ASN C 26 -8.15 4.97 37.28
C ASN C 26 -7.03 5.94 36.89
N PRO C 27 -5.88 5.40 36.54
CA PRO C 27 -4.62 6.10 36.57
C PRO C 27 -4.59 7.39 35.76
N VAL C 28 -3.70 8.31 36.14
CA VAL C 28 -3.37 9.44 35.29
C VAL C 28 -2.21 8.95 34.49
N VAL C 29 -2.17 9.24 33.20
CA VAL C 29 -1.17 8.67 32.33
C VAL C 29 -0.31 9.76 31.79
N LEU C 30 1.01 9.61 31.89
CA LEU C 30 1.95 10.65 31.41
C LEU C 30 2.76 10.17 30.22
N CYS C 31 2.88 11.00 29.20
CA CYS C 31 3.50 10.58 27.96
C CYS C 31 4.70 11.35 27.58
N GLY C 32 5.82 10.67 27.36
CA GLY C 32 7.00 11.34 26.89
C GLY C 32 7.40 10.77 25.57
N PHE C 33 7.39 11.57 24.52
CA PHE C 33 7.86 11.05 23.22
C PHE C 33 9.12 11.72 22.63
N ALA C 34 10.14 10.97 22.30
CA ALA C 34 11.16 11.43 21.38
C ALA C 34 10.56 12.18 20.19
N GLY C 35 10.98 13.42 20.00
CA GLY C 35 10.60 14.20 18.84
C GLY C 35 11.56 15.37 18.63
N SER C 36 11.02 16.53 18.33
CA SER C 36 11.89 17.65 17.99
C SER C 36 12.84 18.01 19.15
N THR C 37 12.37 17.74 20.37
CA THR C 37 13.09 18.18 21.54
C THR C 37 12.93 17.09 22.56
N PRO C 38 14.01 16.83 23.32
CA PRO C 38 14.04 15.66 24.18
C PRO C 38 13.32 15.85 25.51
N THR C 39 12.71 17.00 25.77
CA THR C 39 12.24 17.22 27.14
C THR C 39 11.14 16.23 27.58
N GLY C 40 10.25 15.80 26.68
CA GLY C 40 9.22 14.82 27.00
C GLY C 40 9.72 13.49 27.54
N VAL C 41 10.61 12.81 26.83
CA VAL C 41 11.18 11.54 27.34
C VAL C 41 12.01 11.74 28.59
N LEU C 42 12.80 12.80 28.66
CA LEU C 42 13.60 13.05 29.88
C LEU C 42 12.66 13.15 31.08
N ALA C 43 11.66 14.06 30.93
CA ALA C 43 10.60 14.27 31.94
C ALA C 43 10.14 12.89 32.38
N ALA C 44 9.74 12.10 31.37
CA ALA C 44 9.18 10.78 31.57
C ALA C 44 10.18 9.87 32.30
N SER C 45 11.45 9.87 31.93
CA SER C 45 12.41 8.98 32.63
C SER C 45 12.64 9.48 34.03
N TYR C 46 12.95 10.76 34.19
CA TYR C 46 13.07 11.28 35.53
C TYR C 46 11.89 10.81 36.43
N ILE C 47 10.68 10.96 35.95
CA ILE C 47 9.56 10.60 36.79
C ILE C 47 9.54 9.06 37.00
N VAL C 48 9.99 8.30 36.03
CA VAL C 48 10.00 6.86 36.23
C VAL C 48 11.05 6.49 37.24
N GLU C 49 12.26 6.99 37.05
CA GLU C 49 13.37 6.73 37.95
C GLU C 49 13.03 7.15 39.36
N THR C 50 12.49 8.37 39.49
CA THR C 50 12.34 8.89 40.82
C THR C 50 11.15 8.30 41.59
N LEU C 51 10.02 7.96 40.95
CA LEU C 51 8.90 7.31 41.66
C LEU C 51 9.12 5.79 41.71
N GLY C 52 10.31 5.39 41.26
CA GLY C 52 10.67 3.97 41.18
C GLY C 52 9.53 3.14 40.64
N MET C 53 9.05 3.51 39.46
CA MET C 53 7.90 2.85 38.84
C MET C 53 8.36 1.51 38.22
N HIS C 54 7.45 0.55 38.04
CA HIS C 54 7.85 -0.73 37.46
C HIS C 54 7.20 -0.84 36.09
N GLN C 55 7.85 -1.56 35.19
CA GLN C 55 7.30 -1.75 33.84
C GLN C 55 6.05 -2.59 33.86
N VAL C 56 5.13 -2.30 32.97
CA VAL C 56 3.82 -2.89 33.04
C VAL C 56 3.36 -3.38 31.66
N ALA C 57 3.97 -2.89 30.60
CA ALA C 57 3.58 -3.23 29.26
C ALA C 57 4.61 -2.74 28.24
N HIS C 58 4.37 -3.18 27.02
CA HIS C 58 5.08 -2.71 25.84
C HIS C 58 4.06 -2.39 24.77
N LEU C 59 4.35 -1.42 23.92
CA LEU C 59 3.54 -1.23 22.74
C LEU C 59 4.30 -1.82 21.58
N ILE C 60 3.67 -2.77 20.93
CA ILE C 60 4.25 -3.57 19.87
C ILE C 60 3.67 -3.11 18.53
N SER C 61 4.54 -2.69 17.61
CA SER C 61 4.09 -2.32 16.30
C SER C 61 5.14 -2.35 15.24
N GLN C 62 4.64 -2.51 14.04
CA GLN C 62 5.41 -2.40 12.83
C GLN C 62 5.93 -1.01 12.56
N HIS C 63 5.35 -0.04 13.23
CA HIS C 63 5.67 1.34 12.94
C HIS C 63 6.44 1.98 14.06
N ILE C 64 6.59 1.33 15.20
CA ILE C 64 7.67 1.73 16.12
C ILE C 64 8.92 1.19 15.44
N PRO C 65 9.93 2.04 15.26
CA PRO C 65 11.21 1.66 14.64
C PRO C 65 11.77 0.45 15.33
N PRO C 66 12.15 -0.61 14.57
CA PRO C 66 12.51 -1.92 15.08
C PRO C 66 13.94 -2.02 15.68
N VAL C 67 14.29 -1.00 16.42
CA VAL C 67 15.64 -0.81 16.91
C VAL C 67 15.59 -1.10 18.42
N ALA C 68 16.56 -1.87 18.94
CA ALA C 68 16.72 -2.04 20.41
C ALA C 68 17.59 -0.92 20.95
N VAL C 69 17.27 -0.40 22.14
CA VAL C 69 18.15 0.59 22.74
C VAL C 69 19.00 -0.03 23.82
N PHE C 70 20.26 0.41 23.87
CA PHE C 70 21.29 -0.18 24.71
C PHE C 70 22.21 0.88 25.24
N VAL C 71 21.82 2.14 25.14
CA VAL C 71 22.55 3.23 25.79
C VAL C 71 22.73 2.86 27.29
N GLY C 72 23.92 3.17 27.81
CA GLY C 72 24.31 2.91 29.17
C GLY C 72 24.41 1.44 29.42
N GLY C 73 24.83 0.68 28.43
CA GLY C 73 24.70 -0.80 28.46
C GLY C 73 23.51 -1.40 29.22
N LYS C 74 22.31 -0.83 29.07
CA LYS C 74 21.11 -1.53 29.55
C LYS C 74 20.10 -1.70 28.44
N LEU C 75 19.82 -2.97 28.15
CA LEU C 75 19.10 -3.33 26.93
C LEU C 75 17.64 -3.21 27.19
N ARG C 76 16.92 -2.41 26.40
CA ARG C 76 15.47 -2.41 26.40
C ARG C 76 14.82 -2.06 25.10
N HIS C 77 13.55 -2.41 25.05
CA HIS C 77 12.64 -2.01 24.00
C HIS C 77 12.43 -0.47 24.04
N PRO C 78 12.24 0.14 22.88
CA PRO C 78 12.13 1.57 22.86
C PRO C 78 10.80 2.07 23.38
N PHE C 79 9.76 1.24 23.45
CA PHE C 79 8.45 1.73 23.83
C PHE C 79 7.88 0.98 25.02
N ARG C 80 7.74 1.70 26.13
CA ARG C 80 7.49 1.07 27.40
C ARG C 80 6.46 1.80 28.20
N ILE C 81 5.76 1.05 29.04
CA ILE C 81 4.76 1.64 29.91
C ILE C 81 5.01 1.20 31.32
N TYR C 82 4.96 2.16 32.21
CA TYR C 82 5.30 1.94 33.61
C TYR C 82 4.14 2.29 34.48
N ALA C 83 4.13 1.69 35.65
CA ALA C 83 3.17 2.04 36.70
C ALA C 83 3.87 2.29 38.02
N ASN C 84 3.25 3.10 38.88
CA ASN C 84 3.55 3.08 40.33
C ASN C 84 2.90 1.81 40.96
N ASN C 85 3.00 1.64 42.29
CA ASN C 85 2.45 0.41 42.90
C ASN C 85 0.96 0.38 43.05
N SER C 86 0.35 1.53 43.32
CA SER C 86 -1.11 1.63 43.40
C SER C 86 -1.80 1.76 42.04
N ASN C 87 -1.07 1.52 40.97
CA ASN C 87 -1.59 1.73 39.64
C ASN C 87 -2.50 2.96 39.45
N THR C 88 -2.04 4.08 39.98
CA THR C 88 -2.74 5.34 39.85
C THR C 88 -1.96 6.31 38.96
N VAL C 89 -0.69 6.02 38.70
CA VAL C 89 0.06 6.79 37.72
C VAL C 89 0.80 5.88 36.75
N LEU C 90 0.54 6.07 35.47
CA LEU C 90 1.31 5.43 34.41
C LEU C 90 2.22 6.41 33.67
N VAL C 91 3.37 5.89 33.23
CA VAL C 91 4.19 6.62 32.31
C VAL C 91 4.39 5.81 31.01
N ALA C 92 4.03 6.41 29.90
CA ALA C 92 4.24 5.80 28.60
C ALA C 92 5.32 6.61 27.95
N MET C 93 6.33 5.97 27.42
CA MET C 93 7.38 6.70 26.75
C MET C 93 7.97 5.91 25.64
N CYS C 94 8.62 6.60 24.75
CA CYS C 94 9.21 5.99 23.63
C CYS C 94 10.48 6.70 23.31
N GLU C 95 11.59 5.99 23.33
CA GLU C 95 12.88 6.65 23.31
C GLU C 95 13.44 6.87 21.91
N VAL C 96 12.67 6.56 20.87
CA VAL C 96 13.04 6.79 19.46
C VAL C 96 11.81 7.42 18.78
N PRO C 97 12.02 8.19 17.71
CA PRO C 97 10.93 8.97 17.24
C PRO C 97 10.13 8.26 16.19
N ILE C 98 8.87 8.57 16.16
CA ILE C 98 7.92 7.88 15.32
C ILE C 98 7.69 8.72 14.07
N SER C 99 7.70 8.10 12.91
CA SER C 99 7.61 8.91 11.72
C SER C 99 6.15 9.40 11.65
N SER C 100 5.99 10.60 11.13
CA SER C 100 4.72 11.26 11.01
C SER C 100 3.70 10.48 10.16
N ALA C 101 4.16 9.61 9.25
CA ALA C 101 3.23 8.78 8.45
C ALA C 101 2.47 7.79 9.30
N HIS C 102 2.77 7.72 10.60
CA HIS C 102 2.21 6.67 11.47
C HIS C 102 1.70 7.13 12.80
N ILE C 103 1.65 8.44 13.01
CA ILE C 103 1.08 9.04 14.22
C ILE C 103 -0.32 8.48 14.55
N TYR C 104 -1.20 8.44 13.55
CA TYR C 104 -2.52 7.90 13.73
C TYR C 104 -2.54 6.46 14.27
N GLU C 105 -1.85 5.56 13.61
CA GLU C 105 -1.88 4.15 14.02
C GLU C 105 -1.27 3.95 15.41
N ILE C 106 -0.12 4.55 15.72
CA ILE C 106 0.50 4.43 17.07
C ILE C 106 -0.39 5.09 18.12
N SER C 107 -0.89 6.26 17.82
CA SER C 107 -1.74 6.93 18.76
C SER C 107 -2.93 6.08 19.13
N ASN C 108 -3.44 5.40 18.13
CA ASN C 108 -4.66 4.67 18.27
C ASN C 108 -4.45 3.39 19.03
N THR C 109 -3.38 2.67 18.71
CA THR C 109 -2.93 1.51 19.51
C THR C 109 -2.76 1.85 20.98
N LEU C 110 -2.03 2.93 21.23
CA LEU C 110 -1.79 3.37 22.55
C LEU C 110 -3.09 3.74 23.21
N MET C 111 -3.96 4.51 22.54
CA MET C 111 -5.20 4.90 23.18
C MET C 111 -6.18 3.76 23.37
N ASN C 112 -6.10 2.71 22.57
CA ASN C 112 -6.87 1.55 22.93
C ASN C 112 -6.51 0.97 24.25
N TRP C 113 -5.20 0.76 24.43
CA TRP C 113 -4.69 0.19 25.62
C TRP C 113 -5.07 1.03 26.81
N ILE C 114 -4.94 2.33 26.64
CA ILE C 114 -5.06 3.25 27.73
C ILE C 114 -6.52 3.36 28.09
N ASP C 115 -7.38 3.18 27.09
CA ASP C 115 -8.82 3.23 27.27
C ASP C 115 -9.29 2.00 28.02
N GLN C 116 -8.83 0.82 27.62
CA GLN C 116 -9.21 -0.43 28.31
C GLN C 116 -8.68 -0.52 29.71
N VAL C 117 -7.67 0.26 30.03
CA VAL C 117 -7.08 0.30 31.35
C VAL C 117 -7.89 1.19 32.29
N GLY C 118 -8.79 2.03 31.75
CA GLY C 118 -9.64 2.94 32.52
C GLY C 118 -8.98 4.25 32.98
N ALA C 119 -8.06 4.73 32.17
CA ALA C 119 -7.33 5.96 32.49
C ALA C 119 -8.30 7.10 32.72
N SER C 120 -8.00 7.98 33.64
CA SER C 120 -8.85 9.16 33.83
C SER C 120 -8.30 10.34 33.02
N GLU C 121 -6.99 10.45 32.91
CA GLU C 121 -6.39 11.56 32.22
C GLU C 121 -5.09 11.24 31.52
N ILE C 122 -4.90 11.81 30.35
CA ILE C 122 -3.64 11.66 29.62
C ILE C 122 -2.97 13.03 29.61
N VAL C 123 -1.71 13.07 30.04
CA VAL C 123 -0.94 14.28 30.00
C VAL C 123 0.25 14.08 29.10
N ILE C 124 0.33 14.81 28.00
CA ILE C 124 1.49 14.74 27.09
C ILE C 124 2.48 15.84 27.50
N MET C 125 3.70 15.48 27.91
CA MET C 125 4.69 16.48 28.32
C MET C 125 5.61 16.69 27.14
N GLU C 126 5.69 17.90 26.60
CA GLU C 126 6.63 18.23 25.51
C GLU C 126 7.34 19.56 25.68
N GLY C 127 8.37 19.74 24.90
CA GLY C 127 9.00 21.02 24.85
C GLY C 127 9.01 21.51 23.43
N SER C 128 8.50 22.73 23.22
CA SER C 128 8.64 23.43 21.93
C SER C 128 10.02 24.06 21.84
N PRO C 129 10.65 24.01 20.65
CA PRO C 129 12.07 24.42 20.62
C PRO C 129 12.34 25.96 20.66
N ALA C 130 13.65 26.30 20.62
CA ALA C 130 14.19 27.67 20.55
C ALA C 130 15.61 27.62 21.17
N ASN C 131 16.33 28.73 21.16
CA ASN C 131 17.56 28.85 21.98
C ASN C 131 17.46 30.14 22.77
N GLY C 132 16.21 30.42 23.17
CA GLY C 132 15.77 31.62 23.86
C GLY C 132 16.79 31.97 24.90
N ILE C 133 16.78 31.35 26.08
CA ILE C 133 15.63 30.70 26.70
C ILE C 133 15.33 31.50 27.96
N PRO C 134 14.36 32.45 27.91
CA PRO C 134 14.01 33.13 29.19
C PRO C 134 13.68 32.16 30.37
N GLU C 135 13.92 32.61 31.63
CA GLU C 135 13.75 31.77 32.88
C GLU C 135 12.29 31.67 33.21
N GLU C 136 11.66 32.82 33.05
CA GLU C 136 10.30 32.85 32.62
C GLU C 136 10.41 31.95 31.38
N ARG C 137 10.79 30.70 31.69
CA ARG C 137 10.52 29.55 30.91
C ARG C 137 9.19 29.17 31.53
N PRO C 138 8.12 29.60 30.88
CA PRO C 138 6.87 29.24 31.48
C PRO C 138 6.46 27.88 30.96
N VAL C 139 5.32 27.44 31.45
CA VAL C 139 4.67 26.25 31.00
C VAL C 139 3.34 26.64 30.36
N PHE C 140 3.03 26.01 29.26
CA PHE C 140 1.79 26.31 28.56
C PHE C 140 0.90 25.07 28.51
N ALA C 141 -0.41 25.24 28.66
CA ALA C 141 -1.34 24.11 28.53
C ALA C 141 -2.00 24.10 27.18
N VAL C 142 -2.14 22.91 26.58
CA VAL C 142 -3.23 22.69 25.63
C VAL C 142 -4.25 21.72 26.24
N ALA C 143 -5.53 22.06 26.12
CA ALA C 143 -6.52 21.50 27.03
C ALA C 143 -7.88 22.03 26.70
N GLU C 144 -8.91 21.34 27.12
CA GLU C 144 -10.24 21.85 26.91
C GLU C 144 -10.53 22.95 27.91
N LYS C 145 -11.60 23.71 27.63
CA LYS C 145 -11.93 25.01 28.28
C LYS C 145 -11.97 24.95 29.80
N PRO C 146 -12.81 24.08 30.38
CA PRO C 146 -12.81 24.02 31.87
C PRO C 146 -11.41 23.89 32.50
N LYS C 147 -10.66 22.85 32.10
CA LYS C 147 -9.27 22.61 32.55
C LYS C 147 -8.35 23.81 32.32
N LEU C 148 -8.48 24.49 31.17
CA LEU C 148 -7.67 25.66 30.92
C LEU C 148 -7.92 26.69 32.04
N ASP C 149 -9.18 26.96 32.37
CA ASP C 149 -9.50 27.86 33.51
C ASP C 149 -8.62 27.54 34.73
N LYS C 150 -8.77 26.32 35.25
CA LYS C 150 -7.94 25.87 36.37
C LYS C 150 -6.45 26.27 36.22
N PHE C 151 -5.82 25.76 35.16
CA PHE C 151 -4.36 25.93 35.02
C PHE C 151 -3.96 27.39 34.85
N LYS C 152 -4.91 28.21 34.39
CA LYS C 152 -4.68 29.63 34.28
C LYS C 152 -4.63 30.17 35.69
N LYS C 153 -5.77 30.07 36.38
CA LYS C 153 -5.81 30.42 37.78
C LYS C 153 -4.54 29.86 38.41
N ALA C 154 -4.17 28.64 38.04
CA ALA C 154 -2.92 28.00 38.51
C ALA C 154 -1.54 28.52 37.92
N GLY C 155 -1.50 29.67 37.24
CA GLY C 155 -0.24 30.18 36.67
C GLY C 155 0.20 29.72 35.27
N ILE C 156 -0.48 28.71 34.71
CA ILE C 156 -0.20 28.16 33.38
C ILE C 156 -1.27 28.60 32.41
N GLN C 157 -0.88 28.91 31.18
CA GLN C 157 -1.81 29.43 30.22
C GLN C 157 -1.68 28.91 28.77
N PRO C 158 -2.71 29.14 27.95
CA PRO C 158 -2.84 28.49 26.65
C PRO C 158 -1.60 28.47 25.77
N ALA C 159 -1.16 27.30 25.35
CA ALA C 159 -0.23 27.23 24.23
C ALA C 159 -0.70 28.17 23.13
N ASP C 160 0.26 28.74 22.40
CA ASP C 160 -0.05 29.69 21.36
C ASP C 160 0.07 28.96 20.08
N SER C 161 -0.93 28.17 19.78
CA SER C 161 -0.77 27.17 18.77
C SER C 161 -2.08 27.06 18.07
N ALA C 162 -1.99 27.00 16.76
CA ALA C 162 -3.17 26.91 15.97
C ALA C 162 -3.52 25.42 15.82
N ILE C 163 -2.50 24.61 15.55
CA ILE C 163 -2.71 23.17 15.49
C ILE C 163 -1.71 22.47 16.37
N ILE C 164 -2.06 21.31 16.87
CA ILE C 164 -1.10 20.44 17.54
C ILE C 164 -0.83 19.24 16.65
N ALA C 165 0.43 19.03 16.36
CA ALA C 165 0.87 17.98 15.51
C ALA C 165 1.63 16.99 16.39
N GLY C 166 2.37 16.10 15.75
CA GLY C 166 3.15 15.10 16.45
C GLY C 166 2.27 14.07 17.09
N MET C 167 2.88 13.25 17.95
CA MET C 167 2.13 12.21 18.66
C MET C 167 1.01 12.80 19.50
N GLY C 168 1.24 14.02 20.01
CA GLY C 168 0.31 14.71 20.87
C GLY C 168 -0.96 15.13 20.17
N GLY C 169 -0.86 15.60 18.93
CA GLY C 169 -2.09 15.85 18.15
C GLY C 169 -2.82 14.52 18.04
N GLY C 170 -2.06 13.45 17.86
CA GLY C 170 -2.65 12.14 17.70
C GLY C 170 -3.44 11.72 18.93
N ILE C 171 -2.74 11.60 20.04
CA ILE C 171 -3.38 11.25 21.32
C ILE C 171 -4.52 12.19 21.66
N LEU C 172 -4.32 13.49 21.48
CA LEU C 172 -5.41 14.45 21.76
C LEU C 172 -6.67 14.23 20.89
N ASN C 173 -6.50 13.98 19.61
CA ASN C 173 -7.66 13.66 18.78
C ASN C 173 -8.40 12.41 19.27
N GLU C 174 -7.63 11.37 19.54
CA GLU C 174 -8.14 10.21 20.14
C GLU C 174 -8.84 10.58 21.45
N CYS C 175 -8.23 11.38 22.31
CA CYS C 175 -8.95 11.67 23.57
C CYS C 175 -10.28 12.34 23.35
N LEU C 176 -10.29 13.40 22.58
CA LEU C 176 -11.52 14.10 22.30
C LEU C 176 -12.59 13.14 21.72
N VAL C 177 -12.23 12.34 20.75
CA VAL C 177 -13.22 11.47 20.15
C VAL C 177 -13.74 10.44 21.14
N ARG C 178 -12.88 9.88 21.97
CA ARG C 178 -13.31 8.88 22.95
C ARG C 178 -13.90 9.47 24.23
N LYS C 179 -14.10 10.78 24.32
CA LYS C 179 -14.52 11.43 25.57
C LYS C 179 -13.66 11.05 26.83
N ILE C 180 -12.36 11.19 26.72
CA ILE C 180 -11.45 11.02 27.85
C ILE C 180 -10.65 12.32 27.95
N THR C 181 -10.35 12.76 29.15
CA THR C 181 -9.61 13.99 29.35
C THR C 181 -8.19 13.86 28.81
N GLY C 182 -7.80 14.74 27.92
CA GLY C 182 -6.42 14.76 27.43
C GLY C 182 -5.90 16.19 27.46
N LEU C 183 -4.65 16.38 27.86
CA LEU C 183 -4.07 17.70 27.84
C LEU C 183 -2.60 17.61 27.63
N SER C 184 -1.99 18.76 27.41
CA SER C 184 -0.60 18.79 27.10
C SER C 184 0.06 19.96 27.77
N PHE C 185 1.29 19.75 28.17
CA PHE C 185 2.12 20.75 28.80
C PHE C 185 3.33 21.02 27.95
N ILE C 186 3.58 22.29 27.61
CA ILE C 186 4.72 22.60 26.73
C ILE C 186 5.55 23.65 27.37
N THR C 187 6.85 23.56 27.15
CA THR C 187 7.77 24.52 27.66
C THR C 187 8.89 24.70 26.60
N PRO C 188 9.37 25.94 26.38
CA PRO C 188 10.42 26.21 25.40
C PRO C 188 11.70 25.53 25.81
N THR C 189 12.51 25.12 24.83
CA THR C 189 13.66 24.29 25.14
C THR C 189 14.81 24.34 24.10
N SER C 190 16.03 24.43 24.64
CA SER C 190 17.21 24.95 23.92
C SER C 190 17.78 23.99 22.84
N VAL C 191 17.11 23.94 21.68
CA VAL C 191 17.29 22.86 20.66
C VAL C 191 18.64 22.16 20.62
N ASP C 192 19.74 22.89 20.80
CA ASP C 192 21.04 22.24 20.82
C ASP C 192 21.67 22.06 22.21
N ILE C 193 21.45 23.02 23.10
CA ILE C 193 22.05 22.92 24.45
C ILE C 193 21.16 21.98 25.31
N PRO C 194 21.75 20.99 26.06
CA PRO C 194 21.01 20.30 27.13
C PRO C 194 20.30 21.33 28.00
N ASP C 195 19.12 21.00 28.51
CA ASP C 195 18.24 22.04 29.04
C ASP C 195 17.35 21.51 30.15
N PRO C 196 17.98 21.05 31.23
CA PRO C 196 17.29 20.43 32.35
C PRO C 196 16.30 21.36 33.07
N GLY C 197 16.38 22.66 32.79
CA GLY C 197 15.37 23.59 33.25
C GLY C 197 14.01 23.23 32.71
N ALA C 198 14.02 22.83 31.43
CA ALA C 198 12.80 22.41 30.71
C ALA C 198 12.10 21.35 31.51
N VAL C 199 12.86 20.31 31.85
CA VAL C 199 12.28 19.20 32.56
C VAL C 199 11.71 19.76 33.85
N LEU C 200 12.52 20.50 34.61
CA LEU C 200 12.08 21.05 35.87
C LEU C 200 10.78 21.85 35.78
N SER C 201 10.67 22.75 34.82
CA SER C 201 9.41 23.46 34.61
C SER C 201 8.23 22.48 34.52
N ILE C 202 8.35 21.51 33.61
CA ILE C 202 7.33 20.51 33.42
C ILE C 202 7.02 19.74 34.70
N ILE C 203 8.04 19.27 35.41
CA ILE C 203 7.80 18.41 36.60
C ILE C 203 7.03 19.23 37.63
N GLU C 204 7.47 20.47 37.80
CA GLU C 204 6.76 21.44 38.60
C GLU C 204 5.30 21.57 38.17
N ALA C 205 5.01 21.72 36.88
CA ALA C 205 3.62 21.90 36.52
C ALA C 205 2.75 20.67 36.89
N ILE C 206 3.26 19.45 36.66
CA ILE C 206 2.62 18.20 37.10
C ILE C 206 2.42 18.05 38.63
N ASN C 207 3.41 18.46 39.39
CA ASN C 207 3.32 18.35 40.82
C ASN C 207 2.19 19.23 41.32
N LYS C 208 2.17 20.46 40.87
CA LYS C 208 1.08 21.39 41.17
C LYS C 208 -0.25 20.81 40.83
N ALA C 209 -0.37 20.40 39.57
CA ALA C 209 -1.63 19.99 38.98
C ALA C 209 -2.14 18.67 39.48
N TYR C 210 -1.28 17.68 39.68
CA TYR C 210 -1.78 16.37 40.08
C TYR C 210 -1.25 15.99 41.42
N ASN C 211 -0.47 16.87 42.02
CA ASN C 211 -0.09 16.62 43.38
C ASN C 211 0.46 15.21 43.56
N LEU C 212 1.26 14.80 42.59
CA LEU C 212 2.18 13.71 42.79
C LEU C 212 3.26 14.51 43.43
N LYS C 213 4.33 13.84 43.79
CA LYS C 213 5.29 14.54 44.59
C LYS C 213 6.60 13.98 44.21
N ILE C 214 7.23 14.68 43.27
CA ILE C 214 8.33 14.12 42.56
C ILE C 214 9.55 14.80 43.14
N LYS C 215 10.36 14.03 43.85
CA LYS C 215 11.47 14.58 44.56
C LYS C 215 12.00 15.90 43.98
N THR C 216 12.40 15.91 42.71
CA THR C 216 13.12 17.09 42.15
C THR C 216 14.35 17.55 42.98
N ASP C 217 14.89 16.69 43.83
CA ASP C 217 16.14 17.02 44.48
C ASP C 217 17.16 16.49 43.47
N LEU C 218 18.21 17.28 43.20
CA LEU C 218 19.23 16.86 42.24
C LEU C 218 18.62 16.33 40.91
N LEU C 219 17.74 17.16 40.37
CA LEU C 219 16.99 16.88 39.17
C LEU C 219 17.83 17.34 38.03
N GLU C 220 18.47 18.49 38.21
CA GLU C 220 19.34 19.03 37.15
C GLU C 220 20.57 18.16 36.90
N GLU C 221 21.06 17.47 37.92
CA GLU C 221 22.18 16.56 37.70
C GLU C 221 21.65 15.39 36.87
N GLN C 222 20.70 14.66 37.46
CA GLN C 222 20.08 13.49 36.84
C GLN C 222 19.63 13.66 35.38
N VAL C 223 19.01 14.80 35.09
CA VAL C 223 18.49 15.09 33.78
C VAL C 223 19.65 15.24 32.80
N LYS C 224 20.78 15.78 33.24
CA LYS C 224 21.94 15.91 32.34
C LYS C 224 22.51 14.53 32.00
N ALA C 225 22.65 13.65 32.99
CA ALA C 225 23.11 12.30 32.68
C ALA C 225 22.18 11.69 31.59
N LEU C 226 20.88 11.72 31.89
CA LEU C 226 19.82 11.36 30.96
C LEU C 226 19.88 12.06 29.61
N ASP C 227 20.31 13.31 29.56
CA ASP C 227 20.30 13.98 28.27
C ASP C 227 21.42 13.40 27.42
N GLU C 228 22.54 13.14 28.09
CA GLU C 228 23.71 12.59 27.40
C GLU C 228 23.37 11.27 26.71
N GLN C 229 22.45 10.51 27.29
CA GLN C 229 22.01 9.26 26.71
C GLN C 229 21.00 9.47 25.60
N ILE C 230 20.00 10.29 25.87
CA ILE C 230 19.01 10.57 24.86
C ILE C 230 19.65 11.14 23.60
N LYS C 231 20.64 12.03 23.71
CA LYS C 231 21.19 12.61 22.49
C LYS C 231 22.00 11.55 21.75
N LYS C 232 22.60 10.65 22.51
CA LYS C 232 23.39 9.62 21.90
C LYS C 232 22.56 8.79 20.96
N ILE C 233 21.34 8.46 21.34
CA ILE C 233 20.57 7.67 20.42
C ILE C 233 20.01 8.50 19.31
N GLU C 234 19.52 9.71 19.59
CA GLU C 234 19.12 10.53 18.46
C GLU C 234 20.25 10.62 17.43
N GLU C 235 21.49 10.72 17.89
CA GLU C 235 22.61 10.85 16.96
C GLU C 235 22.86 9.60 16.17
N GLN C 236 22.77 8.45 16.82
CA GLN C 236 22.92 7.22 16.08
C GLN C 236 21.69 6.96 15.24
N TYR C 237 20.53 7.44 15.67
CA TYR C 237 19.35 7.20 14.91
C TYR C 237 19.34 8.03 13.64
N LYS C 238 19.87 9.24 13.69
CA LYS C 238 20.02 10.02 12.46
C LYS C 238 21.11 9.43 11.53
N GLU C 239 22.29 9.04 12.06
CA GLU C 239 23.30 8.34 11.27
C GLU C 239 22.60 7.23 10.52
N LEU C 240 21.99 6.34 11.30
CA LEU C 240 21.37 5.16 10.78
C LEU C 240 20.53 5.52 9.59
N GLN C 241 19.70 6.53 9.78
CA GLN C 241 18.69 6.85 8.83
C GLN C 241 19.21 7.47 7.55
N GLU C 242 20.31 8.23 7.62
CA GLU C 242 20.92 8.71 6.38
C GLU C 242 21.60 7.53 5.64
N LYS C 243 22.30 6.65 6.36
CA LYS C 243 22.81 5.39 5.78
C LYS C 243 21.76 4.63 4.96
N GLN C 244 20.51 4.63 5.38
CA GLN C 244 19.44 3.98 4.63
C GLN C 244 18.90 4.86 3.50
N LYS C 245 19.77 5.46 2.70
CA LYS C 245 19.30 6.03 1.43
C LYS C 245 19.97 5.39 0.18
N GLU C 246 20.18 4.05 0.27
CA GLU C 246 20.28 3.10 -0.87
C GLU C 246 19.07 2.17 -0.88
N MET D 4 -24.38 -12.45 17.71
CA MET D 4 -25.69 -11.74 17.68
C MET D 4 -26.62 -11.95 18.96
N ILE D 5 -26.16 -12.80 19.90
CA ILE D 5 -26.72 -12.85 21.27
C ILE D 5 -25.91 -11.84 22.10
N MET D 6 -26.45 -10.67 22.40
CA MET D 6 -25.64 -9.53 22.88
C MET D 6 -26.32 -8.80 24.02
N VAL D 7 -25.56 -8.14 24.84
CA VAL D 7 -26.10 -7.11 25.73
C VAL D 7 -26.14 -5.77 24.99
N ASN D 8 -27.00 -4.87 25.42
CA ASN D 8 -27.42 -3.84 24.52
C ASN D 8 -27.96 -2.59 25.19
N LYS D 9 -27.22 -1.51 25.07
CA LYS D 9 -27.41 -0.34 25.88
C LYS D 9 -28.28 0.72 25.31
N LYS D 10 -29.08 1.33 26.16
CA LYS D 10 -29.87 2.45 25.74
C LYS D 10 -28.97 3.61 25.46
N ALA D 11 -29.19 4.28 24.35
CA ALA D 11 -28.30 5.34 23.92
C ALA D 11 -27.42 4.88 22.79
N SER D 12 -27.36 3.58 22.59
CA SER D 12 -26.60 3.03 21.49
C SER D 12 -27.59 2.31 20.60
N GLU D 13 -28.82 2.24 21.07
CA GLU D 13 -29.93 1.62 20.34
C GLU D 13 -29.79 1.94 18.81
N SER D 14 -29.40 3.17 18.45
CA SER D 14 -29.35 3.60 17.03
C SER D 14 -28.03 3.24 16.31
N GLN D 15 -27.21 2.44 16.95
CA GLN D 15 -25.96 2.03 16.36
C GLN D 15 -25.77 0.50 16.35
N VAL D 16 -26.20 -0.23 17.40
CA VAL D 16 -26.24 -1.72 17.33
C VAL D 16 -27.12 -1.96 16.09
N MET D 17 -28.17 -1.16 16.00
CA MET D 17 -29.22 -1.40 15.01
C MET D 17 -28.97 -0.68 13.67
N GLU D 18 -28.03 0.27 13.62
CA GLU D 18 -27.85 1.16 12.45
C GLU D 18 -29.20 1.84 12.07
N LEU D 19 -29.84 2.42 13.09
CA LEU D 19 -31.24 2.89 13.12
C LEU D 19 -31.24 4.41 13.15
N GLU D 20 -30.08 4.96 12.77
CA GLU D 20 -29.67 6.34 13.03
C GLU D 20 -30.58 7.50 12.59
N LYS D 21 -31.36 7.29 11.53
CA LYS D 21 -32.17 8.35 10.91
C LYS D 21 -33.38 8.74 11.72
N ARG D 22 -33.69 7.99 12.77
CA ARG D 22 -34.99 8.16 13.43
C ARG D 22 -34.94 9.32 14.43
N ASN D 23 -33.75 9.57 14.97
CA ASN D 23 -33.52 10.73 15.83
C ASN D 23 -33.06 12.00 15.03
N TYR D 24 -33.63 12.19 13.83
CA TYR D 24 -33.38 13.34 12.95
C TYR D 24 -34.63 13.57 12.10
N ASN D 25 -34.95 14.83 11.80
CA ASN D 25 -36.09 15.17 10.92
C ASN D 25 -35.61 15.57 9.57
N ASN D 26 -35.23 14.57 8.79
CA ASN D 26 -35.10 14.76 7.37
C ASN D 26 -34.30 16.04 7.03
N PRO D 27 -33.09 16.16 7.60
CA PRO D 27 -32.41 17.47 7.63
C PRO D 27 -31.67 17.89 6.36
N VAL D 28 -31.52 19.21 6.17
CA VAL D 28 -30.61 19.75 5.17
C VAL D 28 -29.24 19.82 5.85
N VAL D 29 -28.19 19.46 5.12
CA VAL D 29 -26.84 19.43 5.63
C VAL D 29 -26.06 20.46 4.86
N LEU D 30 -25.37 21.35 5.58
CA LEU D 30 -24.53 22.36 4.95
C LEU D 30 -23.08 22.06 5.25
N CYS D 31 -22.22 22.11 4.25
CA CYS D 31 -20.81 21.70 4.42
C CYS D 31 -19.81 22.76 4.10
N GLY D 32 -18.77 22.80 4.91
CA GLY D 32 -17.69 23.70 4.73
C GLY D 32 -16.44 22.93 4.92
N PHE D 33 -15.68 22.79 3.84
CA PHE D 33 -14.35 22.21 3.89
C PHE D 33 -13.29 23.24 3.64
N ALA D 34 -12.09 22.98 4.17
CA ALA D 34 -10.94 23.89 4.11
C ALA D 34 -10.17 23.61 2.85
N GLY D 35 -10.48 24.35 1.78
CA GLY D 35 -9.87 24.18 0.45
C GLY D 35 -9.23 25.48 -0.08
N SER D 36 -9.51 25.84 -1.34
CA SER D 36 -8.76 26.93 -1.99
C SER D 36 -8.98 28.30 -1.33
N THR D 37 -10.21 28.53 -0.91
CA THR D 37 -10.55 29.72 -0.14
C THR D 37 -11.08 29.23 1.19
N PRO D 38 -11.33 30.15 2.13
CA PRO D 38 -11.85 29.81 3.44
C PRO D 38 -13.34 30.07 3.66
N THR D 39 -14.05 30.59 2.66
CA THR D 39 -15.42 31.05 2.93
C THR D 39 -16.35 29.88 3.37
N GLY D 40 -16.02 28.68 2.89
CA GLY D 40 -16.70 27.44 3.24
C GLY D 40 -16.77 27.16 4.70
N VAL D 41 -15.62 27.13 5.34
CA VAL D 41 -15.56 26.77 6.76
C VAL D 41 -15.83 27.99 7.64
N LEU D 42 -15.65 29.20 7.09
CA LEU D 42 -16.09 30.42 7.79
C LEU D 42 -17.61 30.47 7.78
N ALA D 43 -18.22 30.20 6.63
CA ALA D 43 -19.65 30.02 6.61
C ALA D 43 -20.08 28.93 7.62
N ALA D 44 -19.42 27.77 7.64
CA ALA D 44 -19.86 26.68 8.54
C ALA D 44 -19.78 27.14 9.98
N SER D 45 -18.65 27.73 10.34
CA SER D 45 -18.40 28.13 11.74
C SER D 45 -19.35 29.20 12.14
N TYR D 46 -19.64 30.08 11.20
CA TYR D 46 -20.53 31.17 11.53
C TYR D 46 -21.89 30.61 11.87
N ILE D 47 -22.38 29.74 11.01
CA ILE D 47 -23.78 29.41 11.11
C ILE D 47 -23.92 28.57 12.37
N VAL D 48 -22.95 27.70 12.64
CA VAL D 48 -23.00 26.82 13.84
C VAL D 48 -23.03 27.64 15.11
N GLU D 49 -22.25 28.71 15.13
CA GLU D 49 -22.31 29.71 16.18
C GLU D 49 -23.69 30.36 16.35
N THR D 50 -24.19 30.96 15.27
CA THR D 50 -25.30 31.83 15.41
C THR D 50 -26.60 31.05 15.60
N LEU D 51 -26.78 29.90 14.96
CA LEU D 51 -27.94 29.03 15.32
C LEU D 51 -27.71 28.16 16.60
N GLY D 52 -26.74 28.49 17.44
CA GLY D 52 -26.53 27.74 18.69
C GLY D 52 -26.44 26.22 18.58
N MET D 53 -26.00 25.73 17.43
CA MET D 53 -25.94 24.29 17.17
C MET D 53 -25.00 23.61 18.17
N HIS D 54 -25.16 22.31 18.33
CA HIS D 54 -24.27 21.52 19.18
C HIS D 54 -23.76 20.37 18.36
N GLN D 55 -22.62 19.88 18.78
CA GLN D 55 -21.94 18.79 18.13
C GLN D 55 -22.63 17.46 18.35
N VAL D 56 -22.58 16.60 17.35
CA VAL D 56 -23.40 15.39 17.26
C VAL D 56 -22.57 14.22 16.77
N ALA D 57 -21.45 14.52 16.08
CA ALA D 57 -20.63 13.49 15.49
C ALA D 57 -19.27 14.03 15.12
N HIS D 58 -18.33 13.10 15.02
CA HIS D 58 -17.02 13.33 14.46
C HIS D 58 -16.85 12.39 13.34
N LEU D 59 -15.98 12.71 12.43
CA LEU D 59 -15.62 11.76 11.40
C LEU D 59 -14.16 11.36 11.63
N ILE D 60 -13.92 10.06 11.61
CA ILE D 60 -12.67 9.51 12.08
C ILE D 60 -12.01 8.77 10.92
N SER D 61 -10.76 9.02 10.68
CA SER D 61 -10.13 8.40 9.59
C SER D 61 -8.66 8.57 9.66
N GLN D 62 -7.99 7.52 9.32
CA GLN D 62 -6.58 7.62 9.16
C GLN D 62 -6.20 8.72 8.15
N HIS D 63 -7.09 9.06 7.24
CA HIS D 63 -6.75 10.02 6.20
C HIS D 63 -7.06 11.47 6.44
N ILE D 64 -7.88 11.78 7.45
CA ILE D 64 -7.90 13.12 8.02
C ILE D 64 -6.57 13.45 8.74
N PRO D 65 -5.95 14.62 8.49
CA PRO D 65 -4.68 14.89 9.20
C PRO D 65 -4.83 14.81 10.74
N PRO D 66 -4.05 13.93 11.39
CA PRO D 66 -4.09 13.58 12.82
C PRO D 66 -3.61 14.69 13.76
N VAL D 67 -4.15 15.86 13.51
CA VAL D 67 -3.71 17.09 14.06
C VAL D 67 -4.87 17.66 14.91
N ALA D 68 -4.65 18.08 16.16
CA ALA D 68 -5.74 18.75 16.92
C ALA D 68 -5.77 20.25 16.60
N VAL D 69 -6.92 20.86 16.52
CA VAL D 69 -6.85 22.30 16.30
C VAL D 69 -7.00 22.98 17.65
N PHE D 70 -6.16 23.97 17.92
CA PHE D 70 -6.23 24.77 19.16
C PHE D 70 -6.23 26.30 18.92
N VAL D 71 -6.57 26.71 17.70
CA VAL D 71 -6.67 28.13 17.39
C VAL D 71 -7.73 28.76 18.28
N GLY D 72 -7.48 30.01 18.66
CA GLY D 72 -8.33 30.75 19.62
C GLY D 72 -8.43 30.14 21.02
N GLY D 73 -7.48 29.27 21.36
CA GLY D 73 -7.51 28.56 22.63
C GLY D 73 -8.79 27.77 22.86
N LYS D 74 -9.39 27.21 21.80
CA LYS D 74 -10.36 26.09 21.94
C LYS D 74 -9.84 24.83 21.22
N LEU D 75 -9.84 23.72 21.96
CA LEU D 75 -9.24 22.48 21.49
C LEU D 75 -10.34 21.69 20.81
N ARG D 76 -10.09 21.24 19.59
CA ARG D 76 -11.01 20.35 18.95
C ARG D 76 -10.47 19.53 17.83
N HIS D 77 -11.28 18.53 17.55
CA HIS D 77 -11.07 17.65 16.45
C HIS D 77 -11.34 18.38 15.14
N PRO D 78 -10.53 18.13 14.12
CA PRO D 78 -10.70 18.93 12.94
C PRO D 78 -11.98 18.63 12.14
N PHE D 79 -12.53 17.42 12.21
CA PHE D 79 -13.78 17.13 11.48
C PHE D 79 -15.02 16.93 12.37
N ARG D 80 -15.98 17.84 12.33
CA ARG D 80 -17.12 17.79 13.25
C ARG D 80 -18.46 17.91 12.56
N ILE D 81 -19.49 17.26 13.10
CA ILE D 81 -20.87 17.44 12.59
C ILE D 81 -21.71 18.01 13.72
N TYR D 82 -22.40 19.13 13.43
CA TYR D 82 -23.28 19.82 14.36
C TYR D 82 -24.71 19.64 13.93
N ALA D 83 -25.64 19.83 14.89
CA ALA D 83 -27.10 19.89 14.65
C ALA D 83 -27.77 21.00 15.47
N ASN D 84 -28.85 21.54 14.93
CA ASN D 84 -29.74 22.42 15.67
C ASN D 84 -30.71 21.58 16.53
N ASN D 85 -31.57 22.18 17.36
CA ASN D 85 -32.39 21.36 18.28
C ASN D 85 -33.54 20.59 17.62
N SER D 86 -34.13 21.17 16.60
CA SER D 86 -35.14 20.45 15.80
C SER D 86 -34.54 19.32 14.99
N ASN D 87 -33.23 19.16 15.00
CA ASN D 87 -32.54 18.21 14.13
C ASN D 87 -32.90 18.31 12.67
N THR D 88 -33.06 19.54 12.22
CA THR D 88 -33.53 19.80 10.88
C THR D 88 -32.45 20.36 9.99
N VAL D 89 -31.41 20.94 10.59
CA VAL D 89 -30.22 21.35 9.87
C VAL D 89 -29.03 20.81 10.58
N LEU D 90 -28.13 20.21 9.81
CA LEU D 90 -26.80 19.82 10.24
C LEU D 90 -25.72 20.60 9.51
N VAL D 91 -24.64 20.87 10.20
CA VAL D 91 -23.48 21.43 9.56
C VAL D 91 -22.33 20.49 9.72
N ALA D 92 -21.74 20.09 8.61
CA ALA D 92 -20.54 19.27 8.61
C ALA D 92 -19.39 20.19 8.19
N MET D 93 -18.45 20.42 9.11
CA MET D 93 -17.24 21.12 8.80
C MET D 93 -15.93 20.42 9.08
N CYS D 94 -14.95 20.82 8.27
CA CYS D 94 -13.59 20.34 8.40
C CYS D 94 -12.49 21.39 8.20
N GLU D 95 -11.72 21.61 9.26
CA GLU D 95 -10.83 22.74 9.33
C GLU D 95 -9.41 22.51 8.82
N VAL D 96 -9.06 21.35 8.30
CA VAL D 96 -7.70 21.14 7.82
C VAL D 96 -7.89 20.49 6.51
N PRO D 97 -7.08 20.83 5.50
CA PRO D 97 -7.44 20.29 4.18
C PRO D 97 -7.25 18.79 4.03
N ILE D 98 -8.10 18.18 3.21
CA ILE D 98 -8.03 16.77 2.90
C ILE D 98 -7.27 16.56 1.59
N SER D 99 -6.23 15.76 1.62
CA SER D 99 -5.38 15.70 0.48
C SER D 99 -6.20 15.05 -0.65
N SER D 100 -5.89 15.39 -1.90
CA SER D 100 -6.78 15.03 -3.00
C SER D 100 -6.85 13.54 -3.16
N ALA D 101 -5.80 12.84 -2.75
CA ALA D 101 -5.83 11.38 -2.84
C ALA D 101 -6.82 10.74 -1.89
N HIS D 102 -7.50 11.47 -1.01
CA HIS D 102 -8.42 10.82 -0.06
C HIS D 102 -9.87 11.29 -0.06
N ILE D 103 -10.18 12.24 -0.95
CA ILE D 103 -11.55 12.70 -1.24
C ILE D 103 -12.56 11.59 -1.39
N TYR D 104 -12.23 10.55 -2.15
CA TYR D 104 -13.22 9.48 -2.37
C TYR D 104 -13.56 8.79 -1.07
N GLU D 105 -12.53 8.45 -0.31
CA GLU D 105 -12.73 7.83 0.98
C GLU D 105 -13.52 8.66 1.98
N ILE D 106 -13.16 9.94 2.10
CA ILE D 106 -13.79 10.77 3.12
C ILE D 106 -15.19 11.10 2.68
N SER D 107 -15.36 11.36 1.41
CA SER D 107 -16.71 11.60 0.88
C SER D 107 -17.59 10.43 1.13
N ASN D 108 -17.07 9.25 0.88
CA ASN D 108 -17.86 8.06 1.11
C ASN D 108 -18.26 7.82 2.59
N THR D 109 -17.38 8.14 3.51
CA THR D 109 -17.57 7.88 4.92
C THR D 109 -18.62 8.86 5.35
N LEU D 110 -18.37 10.13 5.04
CA LEU D 110 -19.28 11.17 5.38
C LEU D 110 -20.67 10.90 4.79
N MET D 111 -20.74 10.58 3.51
CA MET D 111 -22.04 10.36 2.87
C MET D 111 -22.77 9.09 3.28
N ASN D 112 -22.07 8.11 3.83
CA ASN D 112 -22.80 7.02 4.43
C ASN D 112 -23.52 7.51 5.62
N TRP D 113 -22.84 8.31 6.44
CA TRP D 113 -23.42 8.76 7.69
C TRP D 113 -24.58 9.67 7.40
N ILE D 114 -24.42 10.52 6.39
CA ILE D 114 -25.49 11.43 5.98
C ILE D 114 -26.72 10.70 5.41
N ASP D 115 -26.50 9.72 4.53
CA ASP D 115 -27.55 8.88 4.00
C ASP D 115 -28.32 8.19 5.12
N GLN D 116 -27.58 7.57 6.05
CA GLN D 116 -28.20 6.87 7.17
C GLN D 116 -29.00 7.72 8.12
N VAL D 117 -28.73 9.02 8.14
CA VAL D 117 -29.36 9.94 9.05
C VAL D 117 -30.65 10.47 8.41
N GLY D 118 -30.91 10.06 7.16
CA GLY D 118 -32.10 10.50 6.42
C GLY D 118 -32.10 11.89 5.80
N ALA D 119 -30.95 12.48 5.58
CA ALA D 119 -30.90 13.84 5.07
C ALA D 119 -31.58 13.96 3.68
N SER D 120 -32.24 15.09 3.44
CA SER D 120 -32.91 15.35 2.17
C SER D 120 -31.99 16.08 1.21
N GLU D 121 -31.16 16.96 1.72
CA GLU D 121 -30.35 17.79 0.86
C GLU D 121 -28.99 18.09 1.41
N ILE D 122 -27.96 17.99 0.57
CA ILE D 122 -26.64 18.44 0.96
C ILE D 122 -26.27 19.69 0.23
N VAL D 123 -25.87 20.71 0.97
CA VAL D 123 -25.30 21.91 0.40
C VAL D 123 -23.79 22.03 0.68
N ILE D 124 -23.00 22.09 -0.39
CA ILE D 124 -21.59 22.40 -0.25
C ILE D 124 -21.52 23.87 -0.46
N MET D 125 -20.91 24.54 0.52
CA MET D 125 -20.67 25.97 0.51
C MET D 125 -19.23 26.22 0.19
N GLU D 126 -18.95 27.04 -0.82
CA GLU D 126 -17.57 27.44 -1.02
C GLU D 126 -17.44 28.70 -1.82
N GLY D 127 -16.21 29.22 -1.81
CA GLY D 127 -15.82 30.41 -2.58
C GLY D 127 -14.76 30.14 -3.64
N SER D 128 -14.97 30.66 -4.86
CA SER D 128 -13.96 30.53 -5.93
C SER D 128 -13.04 31.73 -5.85
N PRO D 129 -11.72 31.51 -5.92
CA PRO D 129 -10.90 32.71 -5.72
C PRO D 129 -11.13 33.72 -6.84
N ALA D 130 -10.89 35.00 -6.55
CA ALA D 130 -11.15 36.08 -7.51
C ALA D 130 -10.29 37.25 -7.13
N ASN D 131 -10.21 38.21 -8.05
CA ASN D 131 -9.23 39.26 -8.03
C ASN D 131 -9.68 40.63 -7.61
N GLY D 132 -10.86 40.99 -8.10
CA GLY D 132 -11.58 42.15 -7.66
C GLY D 132 -12.80 41.80 -6.84
N PRO D 134 -16.84 42.24 -7.51
CA PRO D 134 -17.65 43.44 -7.55
C PRO D 134 -18.13 43.89 -6.19
N GLU D 135 -19.37 44.30 -6.12
CA GLU D 135 -19.94 44.76 -4.86
C GLU D 135 -21.32 44.22 -4.73
N GLU D 136 -21.99 44.20 -5.87
CA GLU D 136 -23.04 43.28 -6.16
C GLU D 136 -22.21 42.05 -6.31
N ARG D 137 -22.28 41.15 -5.35
CA ARG D 137 -21.48 39.93 -5.41
C ARG D 137 -22.33 38.70 -5.69
N PRO D 138 -22.13 38.08 -6.86
CA PRO D 138 -22.96 36.95 -7.24
C PRO D 138 -22.66 35.58 -6.55
N VAL D 139 -23.73 34.83 -6.29
CA VAL D 139 -23.66 33.46 -5.84
C VAL D 139 -24.01 32.55 -7.05
N PHE D 140 -23.23 31.50 -7.27
CA PHE D 140 -23.48 30.62 -8.41
C PHE D 140 -23.79 29.23 -7.89
N ALA D 141 -24.55 28.47 -8.68
CA ALA D 141 -24.95 27.13 -8.26
C ALA D 141 -24.46 26.01 -9.19
N VAL D 142 -23.97 24.93 -8.58
CA VAL D 142 -23.91 23.62 -9.27
C VAL D 142 -24.95 22.70 -8.61
N ALA D 143 -25.68 22.01 -9.45
CA ALA D 143 -26.96 21.44 -9.10
C ALA D 143 -27.57 20.85 -10.36
N GLU D 144 -28.63 20.08 -10.19
CA GLU D 144 -29.31 19.46 -11.32
C GLU D 144 -30.35 20.39 -11.91
N LYS D 145 -30.79 20.09 -13.13
CA LYS D 145 -31.59 21.02 -13.96
C LYS D 145 -32.80 21.57 -13.19
N PRO D 146 -33.63 20.72 -12.60
CA PRO D 146 -34.76 21.31 -11.83
C PRO D 146 -34.31 22.30 -10.75
N LYS D 147 -33.51 21.84 -9.82
CA LYS D 147 -32.97 22.74 -8.80
C LYS D 147 -32.30 24.01 -9.38
N LEU D 148 -31.73 23.95 -10.59
CA LEU D 148 -31.07 25.13 -11.21
C LEU D 148 -32.04 26.24 -11.67
N ASP D 149 -33.26 25.87 -12.04
CA ASP D 149 -34.27 26.84 -12.45
C ASP D 149 -34.85 27.54 -11.27
N LYS D 150 -35.18 26.76 -10.25
CA LYS D 150 -35.71 27.33 -9.04
C LYS D 150 -34.70 28.39 -8.57
N PHE D 151 -33.41 28.09 -8.73
CA PHE D 151 -32.34 29.03 -8.33
C PHE D 151 -32.18 30.26 -9.21
N LYS D 152 -32.52 30.16 -10.49
CA LYS D 152 -32.31 31.27 -11.42
C LYS D 152 -33.33 32.35 -11.12
N LYS D 153 -34.53 31.90 -10.83
CA LYS D 153 -35.59 32.76 -10.32
C LYS D 153 -35.08 33.54 -9.13
N ALA D 154 -34.52 32.85 -8.15
CA ALA D 154 -33.90 33.57 -7.06
C ALA D 154 -32.61 34.30 -7.49
N GLY D 155 -32.26 34.33 -8.77
CA GLY D 155 -31.10 35.11 -9.24
C GLY D 155 -29.75 34.44 -9.19
N ILE D 156 -29.69 33.21 -8.66
CA ILE D 156 -28.46 32.44 -8.60
C ILE D 156 -28.29 31.75 -9.95
N GLN D 157 -27.21 32.10 -10.65
CA GLN D 157 -26.93 31.56 -11.99
C GLN D 157 -26.03 30.28 -11.91
N PRO D 158 -26.08 29.42 -12.92
CA PRO D 158 -25.20 28.24 -12.92
C PRO D 158 -23.70 28.56 -12.91
N ALA D 159 -22.92 27.79 -12.14
CA ALA D 159 -21.49 28.04 -12.06
C ALA D 159 -20.93 27.73 -13.43
N ASP D 160 -19.92 28.48 -13.83
CA ASP D 160 -19.34 28.37 -15.16
C ASP D 160 -18.18 27.42 -15.00
N SER D 161 -18.43 26.12 -14.99
CA SER D 161 -17.33 25.20 -14.85
C SER D 161 -17.60 23.74 -15.25
N ALA D 162 -16.67 23.14 -15.98
CA ALA D 162 -16.89 21.86 -16.63
C ALA D 162 -16.73 20.69 -15.67
N ILE D 163 -15.85 20.84 -14.67
CA ILE D 163 -15.69 19.81 -13.64
C ILE D 163 -15.69 20.42 -12.25
N ILE D 164 -16.04 19.63 -11.26
CA ILE D 164 -16.05 20.08 -9.89
C ILE D 164 -15.17 19.13 -9.13
N ALA D 165 -14.09 19.65 -8.58
CA ALA D 165 -13.15 18.82 -7.87
C ALA D 165 -13.28 19.16 -6.40
N GLY D 166 -12.26 18.87 -5.61
CA GLY D 166 -12.30 19.02 -4.15
C GLY D 166 -13.25 18.07 -3.44
N MET D 167 -13.55 18.34 -2.17
CA MET D 167 -14.49 17.48 -1.48
C MET D 167 -15.87 17.63 -2.09
N GLY D 168 -16.13 18.81 -2.62
CA GLY D 168 -17.37 19.12 -3.30
C GLY D 168 -17.67 18.13 -4.39
N GLY D 169 -16.67 17.83 -5.22
CA GLY D 169 -16.84 16.83 -6.31
C GLY D 169 -17.15 15.47 -5.75
N GLY D 170 -16.38 15.09 -4.75
CA GLY D 170 -16.57 13.82 -4.12
C GLY D 170 -18.00 13.62 -3.68
N ILE D 171 -18.55 14.65 -3.06
CA ILE D 171 -19.87 14.57 -2.42
C ILE D 171 -20.98 14.61 -3.45
N LEU D 172 -20.90 15.53 -4.37
CA LEU D 172 -21.85 15.53 -5.45
C LEU D 172 -21.85 14.16 -6.12
N ASN D 173 -20.70 13.59 -6.48
CA ASN D 173 -20.74 12.25 -7.06
C ASN D 173 -21.47 11.26 -6.21
N GLU D 174 -21.07 11.17 -4.96
CA GLU D 174 -21.77 10.36 -3.98
C GLU D 174 -23.26 10.61 -4.02
N CYS D 175 -23.69 11.86 -4.03
CA CYS D 175 -25.13 12.16 -4.15
C CYS D 175 -25.83 11.68 -5.40
N LEU D 176 -25.17 11.88 -6.52
CA LEU D 176 -25.76 11.54 -7.77
C LEU D 176 -26.03 10.07 -7.67
N VAL D 177 -25.04 9.25 -7.32
CA VAL D 177 -25.24 7.79 -7.33
C VAL D 177 -26.27 7.30 -6.30
N ARG D 178 -26.23 7.83 -5.08
CA ARG D 178 -27.22 7.54 -4.04
C ARG D 178 -28.62 8.12 -4.21
N LYS D 179 -28.75 9.04 -5.16
CA LYS D 179 -29.99 9.76 -5.45
C LYS D 179 -30.53 10.65 -4.31
N ILE D 180 -29.62 11.29 -3.57
CA ILE D 180 -29.96 12.34 -2.62
C ILE D 180 -29.71 13.61 -3.40
N THR D 181 -30.49 14.65 -3.12
CA THR D 181 -30.30 15.94 -3.74
C THR D 181 -29.08 16.58 -3.12
N GLY D 182 -28.08 16.85 -3.95
CA GLY D 182 -26.86 17.53 -3.56
C GLY D 182 -26.62 18.72 -4.49
N LEU D 183 -26.25 19.86 -3.93
CA LEU D 183 -25.85 20.96 -4.76
C LEU D 183 -24.82 21.82 -4.01
N SER D 184 -24.31 22.81 -4.73
CA SER D 184 -23.31 23.66 -4.18
C SER D 184 -23.55 25.14 -4.52
N PHE D 185 -23.28 26.01 -3.56
CA PHE D 185 -23.21 27.43 -3.81
C PHE D 185 -21.75 27.89 -3.84
N ILE D 186 -21.38 28.66 -4.88
CA ILE D 186 -20.06 29.26 -4.95
C ILE D 186 -20.21 30.76 -5.08
N THR D 187 -19.30 31.50 -4.44
CA THR D 187 -19.25 32.97 -4.50
C THR D 187 -17.78 33.38 -4.65
N PRO D 188 -17.48 34.33 -5.55
CA PRO D 188 -16.09 34.78 -5.69
C PRO D 188 -15.59 35.38 -4.39
N THR D 189 -14.35 35.11 -4.02
CA THR D 189 -13.82 35.59 -2.76
C THR D 189 -12.36 36.01 -2.87
N SER D 190 -12.00 37.03 -2.14
CA SER D 190 -10.68 37.58 -2.20
C SER D 190 -9.74 36.82 -1.27
N VAL D 191 -8.62 36.36 -1.82
CA VAL D 191 -7.79 35.43 -1.05
C VAL D 191 -7.05 36.11 0.13
N ASP D 192 -6.36 37.25 -0.08
CA ASP D 192 -5.34 37.76 0.90
C ASP D 192 -5.79 38.85 1.86
N ILE D 193 -7.08 39.15 1.83
CA ILE D 193 -7.70 40.00 2.83
C ILE D 193 -8.84 39.18 3.39
N PRO D 194 -9.13 39.34 4.69
CA PRO D 194 -10.44 38.88 5.19
C PRO D 194 -11.59 39.38 4.27
N ASP D 195 -12.56 38.52 4.00
CA ASP D 195 -13.58 38.82 3.01
C ASP D 195 -14.97 38.37 3.46
N PRO D 196 -15.44 38.98 4.57
CA PRO D 196 -16.74 38.66 5.15
C PRO D 196 -17.92 38.70 4.16
N GLY D 197 -17.86 39.62 3.19
CA GLY D 197 -18.92 39.75 2.18
C GLY D 197 -19.26 38.42 1.56
N ALA D 198 -18.21 37.68 1.19
CA ALA D 198 -18.30 36.28 0.68
C ALA D 198 -19.21 35.37 1.55
N VAL D 199 -18.94 35.32 2.87
CA VAL D 199 -19.78 34.55 3.81
C VAL D 199 -21.24 35.05 3.87
N LEU D 200 -21.45 36.36 3.75
CA LEU D 200 -22.79 36.95 3.81
C LEU D 200 -23.63 36.53 2.61
N SER D 201 -23.02 36.57 1.43
CA SER D 201 -23.65 36.14 0.19
C SER D 201 -24.22 34.78 0.31
N ILE D 202 -23.37 33.89 0.80
CA ILE D 202 -23.75 32.53 0.94
C ILE D 202 -24.91 32.48 1.93
N ILE D 203 -24.79 33.13 3.08
CA ILE D 203 -25.84 32.99 4.11
C ILE D 203 -27.15 33.55 3.58
N GLU D 204 -27.08 34.64 2.83
CA GLU D 204 -28.29 35.17 2.19
C GLU D 204 -28.90 34.06 1.38
N ALA D 205 -28.10 33.52 0.44
CA ALA D 205 -28.55 32.48 -0.49
C ALA D 205 -29.18 31.28 0.23
N ILE D 206 -28.50 30.82 1.27
CA ILE D 206 -28.99 29.76 2.07
C ILE D 206 -30.29 30.16 2.75
N ASN D 207 -30.28 31.33 3.41
CA ASN D 207 -31.46 31.84 4.15
C ASN D 207 -32.67 31.83 3.27
N LYS D 208 -32.50 32.32 2.05
CA LYS D 208 -33.59 32.37 1.10
C LYS D 208 -33.97 30.97 0.75
N ALA D 209 -33.07 30.28 0.06
CA ALA D 209 -33.38 29.00 -0.60
C ALA D 209 -33.91 28.02 0.39
N TYR D 210 -33.49 28.12 1.64
CA TYR D 210 -33.85 27.09 2.60
C TYR D 210 -34.66 27.59 3.76
N ASN D 211 -34.87 28.89 3.85
CA ASN D 211 -35.86 29.39 4.78
C ASN D 211 -35.42 29.18 6.22
N LEU D 212 -34.10 29.11 6.43
CA LEU D 212 -33.58 29.09 7.80
C LEU D 212 -33.66 30.53 8.28
N LYS D 213 -33.11 30.87 9.44
CA LYS D 213 -33.15 32.28 9.82
C LYS D 213 -31.81 32.64 10.41
N ILE D 214 -30.83 32.75 9.53
CA ILE D 214 -29.48 32.94 9.99
C ILE D 214 -29.30 34.45 10.16
N LYS D 215 -28.99 34.88 11.39
CA LYS D 215 -29.18 36.27 11.78
C LYS D 215 -28.34 37.34 11.07
N THR D 216 -27.12 37.00 10.64
CA THR D 216 -26.28 37.96 9.85
C THR D 216 -25.89 39.32 10.49
N ASP D 217 -26.31 39.56 11.73
CA ASP D 217 -26.01 40.81 12.43
C ASP D 217 -24.62 40.64 13.01
N LEU D 218 -23.70 41.55 12.72
CA LEU D 218 -22.34 41.46 13.29
C LEU D 218 -21.62 40.22 12.76
N LEU D 219 -21.87 39.94 11.50
CA LEU D 219 -21.25 38.84 10.80
C LEU D 219 -19.85 39.30 10.46
N GLU D 220 -19.75 40.50 9.92
CA GLU D 220 -18.47 41.09 9.50
C GLU D 220 -17.29 40.88 10.46
N GLU D 221 -17.53 40.98 11.77
CA GLU D 221 -16.44 41.00 12.74
C GLU D 221 -16.21 39.63 13.31
N GLN D 222 -17.29 38.90 13.55
CA GLN D 222 -17.19 37.47 13.80
C GLN D 222 -16.39 36.81 12.71
N VAL D 223 -16.84 37.06 11.50
CA VAL D 223 -16.19 36.47 10.37
C VAL D 223 -14.72 36.91 10.36
N LYS D 224 -14.45 38.19 10.51
CA LYS D 224 -13.05 38.63 10.55
C LYS D 224 -12.28 37.89 11.60
N ALA D 225 -12.88 37.70 12.76
CA ALA D 225 -12.20 37.12 13.89
C ALA D 225 -11.76 35.70 13.52
N LEU D 226 -12.74 34.93 13.10
CA LEU D 226 -12.54 33.56 12.60
C LEU D 226 -11.48 33.47 11.51
N ASP D 227 -11.40 34.49 10.71
CA ASP D 227 -10.62 34.42 9.52
C ASP D 227 -9.14 34.56 9.82
N GLU D 228 -8.76 35.38 10.81
CA GLU D 228 -7.40 35.30 11.37
C GLU D 228 -7.04 33.87 11.66
N GLN D 229 -7.91 33.24 12.47
CA GLN D 229 -7.68 31.90 13.00
C GLN D 229 -7.55 30.86 11.93
N ILE D 230 -8.50 30.88 11.01
CA ILE D 230 -8.45 29.99 9.89
C ILE D 230 -7.16 30.18 9.05
N LYS D 231 -6.62 31.38 9.00
CA LYS D 231 -5.37 31.60 8.25
C LYS D 231 -4.10 31.15 9.03
N LYS D 232 -4.07 31.36 10.35
CA LYS D 232 -2.95 30.90 11.23
C LYS D 232 -2.74 29.41 11.07
N ILE D 233 -3.77 28.76 10.57
CA ILE D 233 -3.75 27.36 10.47
C ILE D 233 -3.53 26.90 9.05
N GLU D 234 -4.09 27.60 8.04
CA GLU D 234 -3.60 27.52 6.65
C GLU D 234 -2.03 27.56 6.73
N GLU D 235 -1.45 28.46 7.51
CA GLU D 235 0.00 28.51 7.57
C GLU D 235 0.64 27.39 8.35
N GLN D 236 0.30 27.19 9.63
CA GLN D 236 1.03 26.21 10.47
C GLN D 236 1.00 24.80 9.89
N TYR D 237 -0.08 24.49 9.19
CA TYR D 237 -0.19 23.24 8.50
C TYR D 237 0.63 23.21 7.22
N LYS D 238 0.68 24.32 6.48
CA LYS D 238 1.46 24.32 5.24
C LYS D 238 2.92 23.98 5.60
N GLU D 239 3.45 24.66 6.61
CA GLU D 239 4.79 24.37 7.18
C GLU D 239 4.97 22.91 7.58
N LEU D 240 4.23 22.50 8.61
CA LEU D 240 4.30 21.15 9.12
C LEU D 240 4.45 20.16 7.97
N GLN D 241 3.51 20.20 7.04
CA GLN D 241 3.44 19.30 5.88
C GLN D 241 4.74 19.16 5.09
N GLU D 242 5.51 20.24 5.06
CA GLU D 242 6.79 20.24 4.40
C GLU D 242 7.89 19.68 5.31
N LYS D 243 7.98 20.18 6.55
CA LYS D 243 8.86 19.59 7.59
C LYS D 243 8.65 18.06 7.69
N GLN D 244 7.41 17.61 7.44
CA GLN D 244 7.04 16.18 7.50
C GLN D 244 7.71 15.36 6.40
N LYS D 245 8.78 15.89 5.82
CA LYS D 245 9.67 15.13 4.94
C LYS D 245 11.10 15.05 5.56
N GLU D 246 11.22 14.22 6.61
CA GLU D 246 12.48 14.01 7.36
C GLU D 246 12.46 12.75 8.23
N MET E 4 -27.87 -14.61 4.31
CA MET E 4 -29.22 -15.10 3.89
C MET E 4 -30.24 -14.92 5.06
N ILE E 5 -31.49 -15.46 4.97
CA ILE E 5 -32.72 -15.02 5.76
C ILE E 5 -32.95 -13.47 5.75
N MET E 6 -33.08 -12.94 4.53
CA MET E 6 -33.23 -11.50 4.18
C MET E 6 -34.69 -11.11 3.98
N VAL E 7 -34.87 -9.89 3.50
CA VAL E 7 -36.17 -9.39 3.13
C VAL E 7 -36.15 -8.59 1.83
N ASN E 8 -36.82 -9.07 0.79
CA ASN E 8 -36.69 -8.48 -0.53
C ASN E 8 -37.67 -7.46 -1.04
N LYS E 9 -37.12 -6.32 -1.44
CA LYS E 9 -37.87 -5.28 -2.08
C LYS E 9 -37.89 -5.61 -3.52
N LYS E 10 -38.83 -5.01 -4.23
CA LYS E 10 -39.07 -5.30 -5.64
C LYS E 10 -38.00 -5.03 -6.67
N ALA E 11 -37.86 -3.79 -7.09
CA ALA E 11 -36.92 -3.53 -8.15
C ALA E 11 -35.55 -4.06 -7.81
N SER E 12 -35.42 -4.70 -6.67
CA SER E 12 -34.13 -5.15 -6.20
C SER E 12 -33.74 -6.57 -6.55
N GLU E 13 -34.69 -7.36 -6.99
CA GLU E 13 -34.45 -8.76 -7.27
C GLU E 13 -33.13 -9.01 -7.97
N SER E 14 -32.96 -8.42 -9.13
CA SER E 14 -31.76 -8.68 -9.91
C SER E 14 -30.48 -8.42 -9.11
N GLN E 15 -30.60 -7.65 -8.04
CA GLN E 15 -29.45 -7.23 -7.25
C GLN E 15 -29.13 -8.21 -6.09
N VAL E 16 -30.07 -8.42 -5.15
CA VAL E 16 -29.95 -9.42 -4.05
C VAL E 16 -29.74 -10.86 -4.60
N MET E 17 -30.13 -11.07 -5.85
CA MET E 17 -30.09 -12.39 -6.50
C MET E 17 -28.95 -12.53 -7.54
N GLU E 18 -28.22 -11.44 -7.85
CA GLU E 18 -27.25 -11.43 -8.96
C GLU E 18 -27.83 -12.11 -10.20
N LEU E 19 -29.02 -11.64 -10.60
CA LEU E 19 -29.99 -12.31 -11.51
C LEU E 19 -30.27 -11.26 -12.60
N GLU E 20 -29.18 -10.68 -13.05
CA GLU E 20 -29.15 -9.38 -13.72
C GLU E 20 -29.47 -9.51 -15.21
N LYS E 21 -28.92 -10.56 -15.83
CA LYS E 21 -29.12 -10.88 -17.25
C LYS E 21 -30.60 -10.91 -17.57
N ARG E 22 -31.37 -11.19 -16.53
CA ARG E 22 -32.80 -11.42 -16.61
C ARG E 22 -33.56 -10.23 -17.21
N ASN E 23 -33.17 -8.99 -16.87
CA ASN E 23 -33.86 -7.83 -17.49
C ASN E 23 -33.12 -7.13 -18.65
N TYR E 24 -32.38 -7.89 -19.45
CA TYR E 24 -31.73 -7.38 -20.65
C TYR E 24 -31.82 -8.48 -21.66
N ASN E 25 -31.80 -8.11 -22.94
CA ASN E 25 -32.03 -9.04 -24.04
C ASN E 25 -30.74 -9.19 -24.83
N ASN E 26 -29.71 -9.63 -24.13
CA ASN E 26 -28.48 -10.16 -24.74
C ASN E 26 -27.62 -9.12 -25.47
N PRO E 27 -27.42 -7.99 -24.82
CA PRO E 27 -27.07 -6.78 -25.51
C PRO E 27 -25.66 -6.72 -26.10
N VAL E 28 -25.51 -5.87 -27.09
CA VAL E 28 -24.19 -5.53 -27.55
C VAL E 28 -23.86 -4.31 -26.68
N VAL E 29 -22.65 -4.27 -26.20
CA VAL E 29 -22.25 -3.18 -25.32
C VAL E 29 -21.20 -2.36 -26.03
N LEU E 30 -21.50 -1.09 -26.29
CA LEU E 30 -20.51 -0.22 -26.92
C LEU E 30 -19.82 0.65 -25.84
N CYS E 31 -18.50 0.78 -25.93
CA CYS E 31 -17.70 1.53 -24.93
C CYS E 31 -16.92 2.67 -25.49
N GLY E 32 -16.89 3.74 -24.71
CA GLY E 32 -16.11 4.89 -25.06
C GLY E 32 -15.48 5.48 -23.84
N PHE E 33 -14.16 5.61 -23.90
CA PHE E 33 -13.45 6.30 -22.80
C PHE E 33 -12.65 7.50 -23.27
N ALA E 34 -12.30 8.33 -22.31
CA ALA E 34 -11.56 9.56 -22.54
C ALA E 34 -10.09 9.14 -22.51
N GLY E 35 -9.43 9.08 -23.64
CA GLY E 35 -8.04 8.67 -23.71
C GLY E 35 -7.25 9.74 -24.45
N SER E 36 -6.39 9.32 -25.37
CA SER E 36 -5.59 10.26 -26.16
C SER E 36 -6.36 10.90 -27.27
N THR E 37 -7.59 10.50 -27.52
CA THR E 37 -8.40 11.13 -28.54
C THR E 37 -9.83 11.04 -28.08
N PRO E 38 -10.63 12.05 -28.36
CA PRO E 38 -11.98 12.02 -27.81
C PRO E 38 -13.03 11.16 -28.59
N THR E 39 -12.64 10.54 -29.68
CA THR E 39 -13.64 10.04 -30.60
C THR E 39 -14.56 8.97 -29.97
N GLY E 40 -14.00 8.13 -29.12
CA GLY E 40 -14.77 7.18 -28.31
C GLY E 40 -15.89 7.73 -27.43
N VAL E 41 -15.62 8.75 -26.62
CA VAL E 41 -16.71 9.37 -25.84
C VAL E 41 -17.68 10.15 -26.75
N LEU E 42 -17.19 10.74 -27.82
CA LEU E 42 -18.06 11.45 -28.73
C LEU E 42 -18.99 10.47 -29.43
N ALA E 43 -18.44 9.33 -29.88
CA ALA E 43 -19.24 8.33 -30.59
C ALA E 43 -20.31 7.89 -29.61
N ALA E 44 -19.86 7.55 -28.41
CA ALA E 44 -20.74 6.99 -27.39
C ALA E 44 -21.84 7.96 -27.08
N SER E 45 -21.49 9.22 -26.94
CA SER E 45 -22.47 10.23 -26.60
C SER E 45 -23.44 10.47 -27.73
N TYR E 46 -22.92 10.46 -28.96
CA TYR E 46 -23.77 10.65 -30.09
C TYR E 46 -24.77 9.52 -30.08
N ILE E 47 -24.26 8.29 -29.97
CA ILE E 47 -25.13 7.13 -30.05
C ILE E 47 -26.17 7.08 -28.88
N VAL E 48 -25.76 7.45 -27.68
CA VAL E 48 -26.72 7.60 -26.59
C VAL E 48 -27.78 8.64 -26.91
N GLU E 49 -27.38 9.69 -27.61
CA GLU E 49 -28.33 10.79 -27.93
C GLU E 49 -29.35 10.39 -29.00
N THR E 50 -28.81 9.92 -30.11
CA THR E 50 -29.64 9.68 -31.26
C THR E 50 -30.54 8.44 -31.09
N LEU E 51 -30.07 7.38 -30.44
CA LEU E 51 -30.97 6.26 -30.11
C LEU E 51 -31.88 6.56 -28.92
N GLY E 52 -31.73 7.70 -28.26
CA GLY E 52 -32.59 8.02 -27.12
C GLY E 52 -32.41 7.12 -25.89
N MET E 53 -31.22 6.57 -25.72
CA MET E 53 -30.96 5.67 -24.61
C MET E 53 -31.26 6.33 -23.23
N HIS E 54 -31.58 5.50 -22.23
CA HIS E 54 -31.80 5.94 -20.84
C HIS E 54 -30.66 5.42 -19.99
N GLN E 55 -30.41 6.10 -18.87
CA GLN E 55 -29.31 5.75 -18.02
C GLN E 55 -29.76 4.53 -17.28
N VAL E 56 -28.83 3.68 -16.91
CA VAL E 56 -29.15 2.37 -16.39
C VAL E 56 -28.21 2.03 -15.20
N ALA E 57 -26.98 2.55 -15.19
CA ALA E 57 -26.05 2.29 -14.11
C ALA E 57 -24.97 3.37 -13.99
N HIS E 58 -24.32 3.39 -12.85
CA HIS E 58 -23.02 4.02 -12.71
C HIS E 58 -22.01 2.93 -12.38
N LEU E 59 -20.75 3.27 -12.44
CA LEU E 59 -19.72 2.39 -12.02
C LEU E 59 -18.96 3.22 -10.99
N ILE E 60 -18.98 2.70 -9.77
CA ILE E 60 -18.56 3.39 -8.55
C ILE E 60 -17.18 2.85 -8.22
N SER E 61 -16.21 3.71 -7.98
CA SER E 61 -14.90 3.21 -7.64
C SER E 61 -14.02 4.29 -7.21
N GLN E 62 -13.20 3.96 -6.25
CA GLN E 62 -12.21 4.89 -5.78
C GLN E 62 -11.19 5.25 -6.83
N HIS E 63 -11.08 4.50 -7.90
CA HIS E 63 -10.04 4.81 -8.84
C HIS E 63 -10.53 5.50 -10.06
N ILE E 64 -11.79 5.87 -10.09
CA ILE E 64 -12.23 6.85 -11.03
C ILE E 64 -11.97 8.19 -10.34
N PRO E 65 -11.38 9.13 -11.06
CA PRO E 65 -11.15 10.45 -10.50
C PRO E 65 -12.44 10.90 -9.89
N PRO E 66 -12.43 11.40 -8.63
CA PRO E 66 -13.66 11.73 -7.87
C PRO E 66 -14.18 13.14 -8.13
N VAL E 67 -14.45 13.40 -9.39
CA VAL E 67 -14.78 14.69 -9.92
C VAL E 67 -16.19 14.56 -10.45
N ALA E 68 -17.06 15.55 -10.21
CA ALA E 68 -18.42 15.60 -10.80
C ALA E 68 -18.32 16.34 -12.10
N VAL E 69 -19.04 15.95 -13.13
CA VAL E 69 -18.96 16.77 -14.33
C VAL E 69 -20.14 17.73 -14.48
N PHE E 70 -19.84 18.94 -14.92
CA PHE E 70 -20.84 20.00 -15.02
C PHE E 70 -20.87 20.77 -16.31
N VAL E 71 -20.18 20.28 -17.34
CA VAL E 71 -20.11 20.98 -18.61
C VAL E 71 -21.54 21.15 -19.13
N GLY E 72 -21.74 22.23 -19.88
CA GLY E 72 -23.08 22.64 -20.31
C GLY E 72 -24.11 22.88 -19.21
N GLY E 73 -23.68 23.03 -17.95
CA GLY E 73 -24.63 23.16 -16.84
C GLY E 73 -25.52 21.96 -16.53
N LYS E 74 -25.35 20.84 -17.21
CA LYS E 74 -26.00 19.59 -16.75
C LYS E 74 -25.00 18.76 -15.91
N LEU E 75 -25.42 18.38 -14.70
CA LEU E 75 -24.54 17.79 -13.70
C LEU E 75 -24.64 16.30 -13.72
N ARG E 76 -23.52 15.61 -13.91
CA ARG E 76 -23.50 14.18 -13.77
C ARG E 76 -22.19 13.58 -13.33
N HIS E 77 -22.32 12.31 -12.95
CA HIS E 77 -21.21 11.49 -12.54
C HIS E 77 -20.49 11.12 -13.82
N PRO E 78 -19.16 10.97 -13.75
CA PRO E 78 -18.37 10.79 -14.97
C PRO E 78 -18.46 9.40 -15.65
N PHE E 79 -18.87 8.36 -14.93
CA PHE E 79 -18.90 7.01 -15.51
C PHE E 79 -20.28 6.42 -15.49
N ARG E 80 -20.87 6.35 -16.67
CA ARG E 80 -22.27 5.98 -16.82
C ARG E 80 -22.55 4.79 -17.76
N ILE E 81 -23.59 3.98 -17.47
CA ILE E 81 -24.07 3.02 -18.44
C ILE E 81 -25.51 3.31 -18.89
N TYR E 82 -25.71 3.26 -20.20
CA TYR E 82 -26.99 3.56 -20.81
C TYR E 82 -27.49 2.35 -21.53
N ALA E 83 -28.80 2.27 -21.72
CA ALA E 83 -29.42 1.21 -22.50
C ALA E 83 -30.42 1.83 -23.47
N ASN E 84 -30.66 1.17 -24.59
CA ASN E 84 -31.85 1.40 -25.42
C ASN E 84 -33.11 0.79 -24.74
N ASN E 85 -34.29 1.10 -25.27
CA ASN E 85 -35.53 0.57 -24.68
C ASN E 85 -35.73 -0.93 -24.77
N SER E 86 -35.12 -1.54 -25.77
CA SER E 86 -35.19 -2.98 -25.99
C SER E 86 -34.16 -3.69 -25.13
N ASN E 87 -33.48 -2.95 -24.25
CA ASN E 87 -32.26 -3.43 -23.59
C ASN E 87 -31.45 -4.40 -24.45
N THR E 88 -31.18 -4.03 -25.69
CA THR E 88 -30.38 -4.87 -26.60
C THR E 88 -29.05 -4.21 -26.97
N VAL E 89 -28.95 -2.91 -26.68
CA VAL E 89 -27.72 -2.21 -26.86
C VAL E 89 -27.40 -1.42 -25.58
N LEU E 90 -26.20 -1.60 -25.04
CA LEU E 90 -25.68 -0.70 -24.02
C LEU E 90 -24.53 0.17 -24.51
N VAL E 91 -24.41 1.35 -23.89
CA VAL E 91 -23.25 2.20 -24.06
C VAL E 91 -22.63 2.36 -22.66
N ALA E 92 -21.38 1.90 -22.51
CA ALA E 92 -20.56 2.20 -21.35
C ALA E 92 -19.64 3.36 -21.74
N MET E 93 -19.67 4.46 -20.99
CA MET E 93 -18.85 5.61 -21.32
C MET E 93 -18.26 6.21 -20.09
N CYS E 94 -17.12 6.86 -20.25
CA CYS E 94 -16.52 7.57 -19.16
C CYS E 94 -15.87 8.82 -19.66
N GLU E 95 -16.23 9.93 -19.03
CA GLU E 95 -15.89 11.25 -19.52
C GLU E 95 -14.58 11.85 -19.00
N VAL E 96 -13.95 11.24 -18.01
CA VAL E 96 -12.63 11.71 -17.60
C VAL E 96 -11.67 10.59 -17.76
N PRO E 97 -10.42 10.91 -18.05
CA PRO E 97 -9.37 9.95 -18.18
C PRO E 97 -9.22 8.99 -17.01
N ILE E 98 -8.90 7.76 -17.30
CA ILE E 98 -8.66 6.80 -16.26
C ILE E 98 -7.15 6.58 -16.16
N SER E 99 -6.57 6.84 -14.99
CA SER E 99 -5.13 6.61 -14.89
C SER E 99 -4.78 5.14 -15.15
N SER E 100 -3.64 5.00 -15.79
CA SER E 100 -3.17 3.71 -16.20
C SER E 100 -2.83 2.80 -15.00
N ALA E 101 -2.63 3.35 -13.80
CA ALA E 101 -2.39 2.48 -12.66
C ALA E 101 -3.61 1.66 -12.32
N HIS E 102 -4.79 2.03 -12.86
CA HIS E 102 -6.07 1.40 -12.48
C HIS E 102 -6.90 0.74 -13.63
N ILE E 103 -6.38 0.76 -14.85
CA ILE E 103 -7.00 0.03 -15.93
C ILE E 103 -7.48 -1.34 -15.50
N TYR E 104 -6.68 -2.04 -14.70
CA TYR E 104 -7.04 -3.41 -14.34
C TYR E 104 -8.21 -3.46 -13.39
N GLU E 105 -8.18 -2.65 -12.33
CA GLU E 105 -9.30 -2.66 -11.38
C GLU E 105 -10.58 -2.18 -12.08
N ILE E 106 -10.47 -1.10 -12.85
CA ILE E 106 -11.67 -0.54 -13.51
C ILE E 106 -12.20 -1.50 -14.53
N SER E 107 -11.32 -2.13 -15.33
CA SER E 107 -11.78 -3.04 -16.36
C SER E 107 -12.42 -4.24 -15.71
N ASN E 108 -11.90 -4.66 -14.58
CA ASN E 108 -12.42 -5.82 -13.96
C ASN E 108 -13.76 -5.53 -13.38
N THR E 109 -13.93 -4.35 -12.80
CA THR E 109 -15.23 -3.94 -12.28
C THR E 109 -16.28 -3.77 -13.37
N LEU E 110 -15.92 -3.13 -14.47
CA LEU E 110 -16.86 -3.05 -15.57
C LEU E 110 -17.28 -4.43 -16.03
N MET E 111 -16.31 -5.31 -16.22
CA MET E 111 -16.58 -6.53 -16.91
C MET E 111 -17.28 -7.50 -16.02
N ASN E 112 -17.28 -7.29 -14.71
CA ASN E 112 -18.08 -8.14 -13.87
C ASN E 112 -19.52 -7.81 -14.08
N TRP E 113 -19.77 -6.54 -14.32
CA TRP E 113 -21.14 -6.08 -14.44
C TRP E 113 -21.66 -6.56 -15.75
N ILE E 114 -20.86 -6.34 -16.81
CA ILE E 114 -21.20 -6.76 -18.14
C ILE E 114 -21.39 -8.27 -18.24
N ASP E 115 -20.52 -9.03 -17.59
CA ASP E 115 -20.65 -10.49 -17.55
C ASP E 115 -22.02 -10.80 -17.02
N GLN E 116 -22.35 -10.24 -15.86
CA GLN E 116 -23.66 -10.45 -15.21
C GLN E 116 -24.84 -10.13 -16.13
N VAL E 117 -25.04 -8.88 -16.50
CA VAL E 117 -25.98 -8.49 -17.58
C VAL E 117 -26.14 -9.45 -18.80
N GLY E 118 -25.16 -10.30 -19.11
CA GLY E 118 -25.27 -11.25 -20.22
C GLY E 118 -25.03 -10.70 -21.61
N ALA E 119 -24.05 -9.81 -21.76
CA ALA E 119 -23.79 -9.16 -23.04
C ALA E 119 -23.26 -10.15 -24.07
N SER E 120 -23.73 -10.11 -25.31
CA SER E 120 -23.14 -10.92 -26.42
C SER E 120 -21.69 -10.53 -26.82
N GLU E 121 -21.47 -9.22 -27.03
CA GLU E 121 -20.18 -8.69 -27.49
C GLU E 121 -19.85 -7.36 -26.84
N ILE E 122 -18.59 -7.16 -26.57
CA ILE E 122 -18.13 -5.88 -26.11
C ILE E 122 -17.41 -5.17 -27.24
N VAL E 123 -17.92 -3.99 -27.63
CA VAL E 123 -17.25 -3.20 -28.66
C VAL E 123 -16.68 -1.95 -28.06
N ILE E 124 -15.37 -1.83 -28.14
CA ILE E 124 -14.66 -0.66 -27.64
C ILE E 124 -14.34 0.35 -28.75
N MET E 125 -14.92 1.55 -28.71
CA MET E 125 -14.77 2.47 -29.84
C MET E 125 -13.65 3.46 -29.57
N GLU E 126 -12.77 3.68 -30.54
CA GLU E 126 -11.72 4.69 -30.37
C GLU E 126 -11.14 5.20 -31.63
N GLY E 127 -10.37 6.27 -31.49
CA GLY E 127 -9.59 6.80 -32.59
C GLY E 127 -8.12 6.79 -32.24
N SER E 128 -7.22 6.57 -33.20
CA SER E 128 -5.80 6.69 -32.91
C SER E 128 -5.27 7.98 -33.51
N PRO E 129 -4.38 8.69 -32.78
CA PRO E 129 -3.82 9.95 -33.23
C PRO E 129 -3.31 9.81 -34.62
N ALA E 130 -3.78 10.71 -35.47
CA ALA E 130 -3.37 10.82 -36.84
C ALA E 130 -2.84 12.22 -37.07
N ASN E 131 -2.35 12.38 -38.29
CA ASN E 131 -1.47 13.45 -38.72
C ASN E 131 -2.19 14.43 -39.69
N GLY E 132 -2.75 13.89 -40.80
CA GLY E 132 -3.44 14.67 -41.89
C GLY E 132 -4.99 14.78 -41.90
N ILE E 133 -5.73 13.76 -42.36
CA ILE E 133 -5.26 12.41 -42.81
C ILE E 133 -6.23 11.84 -43.94
N PRO E 134 -6.08 10.55 -44.41
CA PRO E 134 -6.79 10.30 -45.71
C PRO E 134 -8.28 10.73 -45.83
N GLU E 135 -8.61 11.36 -46.95
CA GLU E 135 -10.00 11.65 -47.32
C GLU E 135 -10.82 10.33 -47.41
N GLU E 136 -10.13 9.22 -47.59
CA GLU E 136 -10.71 7.86 -47.68
C GLU E 136 -10.56 7.15 -46.29
N ARG E 137 -11.23 7.67 -45.23
CA ARG E 137 -10.88 7.33 -43.79
C ARG E 137 -11.26 5.91 -43.29
N PRO E 138 -10.26 5.03 -43.14
CA PRO E 138 -10.57 3.65 -42.83
C PRO E 138 -10.86 3.41 -41.35
N VAL E 139 -11.74 2.46 -41.08
CA VAL E 139 -11.86 1.84 -39.76
C VAL E 139 -11.00 0.54 -39.66
N PHE E 140 -10.63 0.18 -38.45
CA PHE E 140 -9.78 -0.98 -38.21
C PHE E 140 -10.29 -1.77 -37.02
N ALA E 141 -9.96 -3.04 -36.98
CA ALA E 141 -10.44 -3.92 -35.94
C ALA E 141 -9.30 -4.56 -35.21
N VAL E 142 -9.49 -4.71 -33.90
CA VAL E 142 -8.72 -5.67 -33.12
C VAL E 142 -9.75 -6.64 -32.57
N ALA E 143 -9.64 -7.87 -33.00
CA ALA E 143 -10.61 -8.93 -32.67
C ALA E 143 -9.88 -10.27 -32.77
N GLU E 144 -10.53 -11.35 -32.36
CA GLU E 144 -9.99 -12.69 -32.60
C GLU E 144 -10.19 -13.08 -34.09
N LYS E 145 -9.59 -14.20 -34.54
CA LYS E 145 -9.55 -14.53 -36.00
C LYS E 145 -10.90 -14.74 -36.73
N PRO E 146 -11.79 -15.56 -36.19
CA PRO E 146 -13.15 -15.56 -36.72
C PRO E 146 -13.67 -14.15 -37.09
N LYS E 147 -13.73 -13.25 -36.11
CA LYS E 147 -14.32 -11.92 -36.32
C LYS E 147 -13.54 -11.13 -37.34
N LEU E 148 -12.22 -11.15 -37.22
CA LEU E 148 -11.36 -10.45 -38.16
C LEU E 148 -11.68 -10.86 -39.59
N ASP E 149 -11.70 -12.16 -39.87
CA ASP E 149 -12.00 -12.66 -41.24
C ASP E 149 -13.38 -12.13 -41.73
N LYS E 150 -14.41 -12.23 -40.89
CA LYS E 150 -15.70 -11.62 -41.23
C LYS E 150 -15.60 -10.11 -41.52
N PHE E 151 -14.92 -9.39 -40.63
CA PHE E 151 -14.80 -7.92 -40.76
C PHE E 151 -14.04 -7.53 -42.02
N LYS E 152 -13.02 -8.29 -42.39
CA LYS E 152 -12.30 -8.01 -43.64
C LYS E 152 -13.23 -8.07 -44.85
N LYS E 153 -14.22 -8.96 -44.80
CA LYS E 153 -15.30 -8.98 -45.80
C LYS E 153 -16.33 -7.80 -45.60
N ALA E 154 -16.01 -6.81 -44.77
CA ALA E 154 -16.74 -5.52 -44.79
C ALA E 154 -15.82 -4.32 -45.14
N GLY E 155 -14.53 -4.58 -45.37
CA GLY E 155 -13.57 -3.52 -45.69
C GLY E 155 -12.90 -2.88 -44.49
N ILE E 156 -13.21 -3.40 -43.28
CA ILE E 156 -12.52 -3.10 -42.04
C ILE E 156 -11.37 -4.07 -41.92
N GLN E 157 -10.17 -3.54 -41.78
CA GLN E 157 -8.99 -4.36 -41.81
C GLN E 157 -8.43 -4.50 -40.40
N PRO E 158 -7.53 -5.46 -40.17
CA PRO E 158 -6.93 -5.59 -38.84
C PRO E 158 -6.09 -4.38 -38.45
N ALA E 159 -6.22 -3.91 -37.21
CA ALA E 159 -5.41 -2.81 -36.72
C ALA E 159 -3.97 -3.21 -36.86
N ASP E 160 -3.05 -2.27 -36.94
CA ASP E 160 -1.64 -2.62 -36.94
C ASP E 160 -0.99 -2.12 -35.66
N SER E 161 -1.02 -2.90 -34.59
CA SER E 161 -0.29 -2.53 -33.37
C SER E 161 0.02 -3.74 -32.55
N ALA E 162 1.24 -3.79 -32.07
CA ALA E 162 1.72 -4.97 -31.42
C ALA E 162 0.93 -5.21 -30.15
N ILE E 163 0.71 -4.17 -29.34
CA ILE E 163 -0.04 -4.33 -28.11
C ILE E 163 -1.20 -3.36 -28.06
N ILE E 164 -2.19 -3.63 -27.23
CA ILE E 164 -3.31 -2.76 -27.10
C ILE E 164 -3.36 -2.33 -25.67
N ALA E 165 -3.34 -1.03 -25.44
CA ALA E 165 -3.16 -0.51 -24.10
C ALA E 165 -4.41 0.26 -23.80
N GLY E 166 -4.34 1.21 -22.89
CA GLY E 166 -5.51 1.87 -22.37
C GLY E 166 -6.51 0.93 -21.72
N MET E 167 -7.65 1.52 -21.46
CA MET E 167 -8.84 0.81 -21.03
C MET E 167 -9.26 -0.28 -22.00
N GLY E 168 -8.92 -0.10 -23.27
CA GLY E 168 -9.24 -1.11 -24.31
C GLY E 168 -8.49 -2.42 -24.14
N GLY E 169 -7.24 -2.38 -23.70
CA GLY E 169 -6.53 -3.64 -23.53
C GLY E 169 -6.99 -4.37 -22.29
N GLY E 170 -7.38 -3.61 -21.29
CA GLY E 170 -7.81 -4.20 -20.03
C GLY E 170 -9.12 -4.88 -20.26
N ILE E 171 -10.05 -4.22 -20.93
CA ILE E 171 -11.31 -4.88 -21.28
C ILE E 171 -11.08 -6.10 -22.15
N LEU E 172 -10.28 -5.95 -23.20
CA LEU E 172 -9.98 -7.05 -24.07
C LEU E 172 -9.30 -8.21 -23.31
N ASN E 173 -8.48 -7.95 -22.30
CA ASN E 173 -7.92 -9.10 -21.59
C ASN E 173 -9.00 -9.85 -20.79
N GLU E 174 -9.89 -9.10 -20.14
CA GLU E 174 -10.97 -9.71 -19.40
C GLU E 174 -11.85 -10.54 -20.31
N CYS E 175 -12.14 -10.03 -21.50
CA CYS E 175 -12.92 -10.79 -22.48
C CYS E 175 -12.20 -12.06 -22.91
N LEU E 176 -10.90 -11.94 -23.15
CA LEU E 176 -10.11 -13.08 -23.51
C LEU E 176 -10.26 -14.17 -22.40
N VAL E 177 -10.30 -13.75 -21.15
CA VAL E 177 -10.26 -14.72 -20.07
C VAL E 177 -11.65 -15.25 -19.79
N ARG E 178 -12.65 -14.39 -19.90
CA ARG E 178 -14.02 -14.76 -19.62
C ARG E 178 -14.70 -15.45 -20.74
N LYS E 179 -14.00 -15.54 -21.88
CA LYS E 179 -14.55 -15.98 -23.15
C LYS E 179 -15.83 -15.25 -23.46
N ILE E 180 -15.78 -13.91 -23.51
CA ILE E 180 -16.81 -13.09 -24.14
C ILE E 180 -16.17 -12.62 -25.39
N THR E 181 -16.95 -12.43 -26.46
CA THR E 181 -16.45 -11.75 -27.66
C THR E 181 -16.24 -10.30 -27.31
N GLY E 182 -15.01 -9.84 -27.58
CA GLY E 182 -14.61 -8.47 -27.30
C GLY E 182 -13.86 -7.99 -28.51
N LEU E 183 -14.23 -6.84 -29.05
CA LEU E 183 -13.42 -6.30 -30.12
C LEU E 183 -13.29 -4.81 -30.00
N SER E 184 -12.42 -4.27 -30.85
CA SER E 184 -12.21 -2.85 -30.90
C SER E 184 -12.17 -2.31 -32.31
N PHE E 185 -12.86 -1.18 -32.47
CA PHE E 185 -12.88 -0.41 -33.68
C PHE E 185 -12.03 0.82 -33.48
N ILE E 186 -10.91 0.91 -34.19
CA ILE E 186 -10.04 2.09 -34.19
C ILE E 186 -10.15 2.81 -35.54
N THR E 187 -10.11 4.14 -35.50
CA THR E 187 -10.14 4.98 -36.70
C THR E 187 -9.11 6.11 -36.57
N PRO E 188 -8.37 6.43 -37.65
CA PRO E 188 -7.42 7.51 -37.47
C PRO E 188 -8.21 8.77 -37.20
N THR E 189 -7.71 9.55 -36.26
CA THR E 189 -8.44 10.70 -35.78
C THR E 189 -7.46 11.84 -35.51
N SER E 190 -7.79 13.04 -35.94
CA SER E 190 -6.90 14.20 -35.81
C SER E 190 -6.85 14.73 -34.37
N VAL E 191 -5.70 14.63 -33.71
CA VAL E 191 -5.62 14.92 -32.26
C VAL E 191 -5.97 16.36 -31.82
N ASP E 192 -5.92 17.36 -32.72
CA ASP E 192 -6.04 18.72 -32.21
C ASP E 192 -7.16 19.55 -32.69
N ILE E 193 -7.69 19.21 -33.85
CA ILE E 193 -8.80 19.93 -34.41
C ILE E 193 -9.98 18.97 -34.27
N PRO E 194 -11.20 19.51 -34.10
CA PRO E 194 -12.42 18.69 -34.07
C PRO E 194 -12.49 17.77 -35.28
N ASP E 195 -13.03 16.57 -35.09
CA ASP E 195 -12.97 15.56 -36.15
C ASP E 195 -14.24 14.69 -36.26
N PRO E 196 -15.38 15.29 -36.64
CA PRO E 196 -16.63 14.52 -36.71
C PRO E 196 -16.59 13.36 -37.69
N GLY E 197 -15.81 13.50 -38.75
CA GLY E 197 -15.65 12.42 -39.72
C GLY E 197 -15.13 11.15 -39.07
N ALA E 198 -14.25 11.27 -38.08
CA ALA E 198 -13.84 10.10 -37.27
C ALA E 198 -15.05 9.41 -36.63
N VAL E 199 -15.96 10.19 -36.02
CA VAL E 199 -17.11 9.60 -35.36
C VAL E 199 -18.06 8.94 -36.38
N LEU E 200 -18.26 9.62 -37.51
CA LEU E 200 -18.99 9.03 -38.62
C LEU E 200 -18.44 7.67 -39.09
N SER E 201 -17.13 7.55 -39.23
CA SER E 201 -16.58 6.31 -39.63
C SER E 201 -16.95 5.21 -38.61
N ILE E 202 -16.67 5.47 -37.33
CA ILE E 202 -16.98 4.50 -36.26
C ILE E 202 -18.45 4.12 -36.31
N ILE E 203 -19.34 5.09 -36.50
CA ILE E 203 -20.78 4.82 -36.49
C ILE E 203 -21.22 4.06 -37.73
N GLU E 204 -20.63 4.39 -38.87
CA GLU E 204 -20.91 3.65 -40.12
C GLU E 204 -20.47 2.20 -39.93
N ALA E 205 -19.26 2.01 -39.41
CA ALA E 205 -18.77 0.68 -39.07
C ALA E 205 -19.76 -0.04 -38.14
N ILE E 206 -20.35 0.65 -37.18
CA ILE E 206 -21.28 -0.02 -36.24
C ILE E 206 -22.64 -0.36 -36.84
N ASN E 207 -23.12 0.49 -37.73
CA ASN E 207 -24.35 0.22 -38.42
C ASN E 207 -24.16 -0.92 -39.39
N LYS E 208 -23.01 -0.95 -40.02
CA LYS E 208 -22.62 -2.01 -40.95
C LYS E 208 -22.55 -3.36 -40.25
N ALA E 209 -21.85 -3.43 -39.11
CA ALA E 209 -21.55 -4.70 -38.40
C ALA E 209 -22.58 -5.15 -37.37
N TYR E 210 -23.46 -4.26 -36.92
CA TYR E 210 -24.47 -4.66 -35.95
C TYR E 210 -25.85 -4.28 -36.38
N ASN E 211 -25.95 -3.68 -37.57
CA ASN E 211 -27.22 -3.34 -38.14
C ASN E 211 -28.11 -2.59 -37.10
N LEU E 212 -27.46 -1.80 -36.26
CA LEU E 212 -28.19 -0.83 -35.43
C LEU E 212 -28.70 0.15 -36.47
N LYS E 213 -29.46 1.15 -36.10
CA LYS E 213 -29.93 2.03 -37.16
C LYS E 213 -29.78 3.44 -36.64
N ILE E 214 -28.54 3.89 -36.74
CA ILE E 214 -28.10 5.11 -36.08
C ILE E 214 -28.16 6.24 -37.11
N LYS E 215 -29.19 7.06 -36.99
CA LYS E 215 -29.32 8.26 -37.81
C LYS E 215 -27.97 9.00 -37.76
N THR E 216 -27.54 9.51 -38.92
CA THR E 216 -26.31 10.32 -39.02
C THR E 216 -26.48 11.63 -39.86
N ASP E 217 -27.73 12.01 -40.09
CA ASP E 217 -28.08 13.37 -40.47
C ASP E 217 -27.73 14.27 -39.28
N LEU E 218 -27.02 15.36 -39.55
CA LEU E 218 -26.63 16.31 -38.50
C LEU E 218 -25.89 15.59 -37.32
N LEU E 219 -25.14 14.53 -37.69
CA LEU E 219 -24.11 13.94 -36.81
C LEU E 219 -22.94 14.86 -36.78
N GLU E 220 -22.60 15.41 -37.93
CA GLU E 220 -21.42 16.26 -38.03
C GLU E 220 -21.66 17.56 -37.30
N GLU E 221 -22.93 17.96 -37.19
CA GLU E 221 -23.30 19.02 -36.26
C GLU E 221 -23.31 18.58 -34.81
N GLN E 222 -24.21 17.68 -34.46
CA GLN E 222 -24.28 17.23 -33.09
C GLN E 222 -22.89 16.88 -32.46
N VAL E 223 -22.06 16.13 -33.21
CA VAL E 223 -20.68 15.78 -32.78
C VAL E 223 -19.81 17.02 -32.59
N LYS E 224 -19.94 17.99 -33.51
CA LYS E 224 -19.22 19.25 -33.38
C LYS E 224 -19.47 19.93 -32.03
N ALA E 225 -20.74 20.10 -31.66
CA ALA E 225 -21.11 20.59 -30.31
C ALA E 225 -20.46 19.75 -29.17
N LEU E 226 -20.71 18.45 -29.15
CA LEU E 226 -20.14 17.62 -28.10
C LEU E 226 -18.61 17.69 -27.97
N ASP E 227 -17.90 18.02 -29.05
CA ASP E 227 -16.46 18.21 -28.96
C ASP E 227 -16.12 19.46 -28.14
N GLU E 228 -16.88 20.55 -28.31
CA GLU E 228 -16.62 21.77 -27.51
C GLU E 228 -16.50 21.34 -26.07
N GLN E 229 -17.58 20.70 -25.64
CA GLN E 229 -17.77 20.29 -24.26
C GLN E 229 -16.66 19.36 -23.79
N ILE E 230 -16.55 18.20 -24.44
CA ILE E 230 -15.59 17.22 -24.00
C ILE E 230 -14.19 17.81 -23.97
N LYS E 231 -13.93 18.85 -24.76
CA LYS E 231 -12.62 19.48 -24.75
C LYS E 231 -12.47 20.39 -23.54
N LYS E 232 -13.57 21.01 -23.12
CA LYS E 232 -13.57 21.88 -21.95
C LYS E 232 -13.25 21.11 -20.69
N ILE E 233 -13.82 19.93 -20.50
CA ILE E 233 -13.42 19.12 -19.37
C ILE E 233 -12.07 18.42 -19.47
N GLU E 234 -11.66 17.97 -20.65
CA GLU E 234 -10.28 17.54 -20.79
C GLU E 234 -9.41 18.65 -20.29
N GLU E 235 -9.71 19.86 -20.74
CA GLU E 235 -8.87 21.00 -20.43
C GLU E 235 -8.89 21.39 -18.97
N GLN E 236 -10.06 21.49 -18.35
CA GLN E 236 -10.06 21.76 -16.92
C GLN E 236 -9.44 20.61 -16.08
N TYR E 237 -9.57 19.39 -16.55
CA TYR E 237 -9.01 18.28 -15.82
C TYR E 237 -7.50 18.27 -15.86
N LYS E 238 -6.92 18.46 -17.04
CA LYS E 238 -5.48 18.62 -17.14
C LYS E 238 -5.02 19.78 -16.24
N GLU E 239 -5.78 20.89 -16.23
CA GLU E 239 -5.55 22.09 -15.35
C GLU E 239 -5.57 21.73 -13.89
N LEU E 240 -6.58 20.96 -13.50
CA LEU E 240 -6.74 20.56 -12.13
C LEU E 240 -5.56 19.71 -11.72
N GLN E 241 -5.10 18.86 -12.62
CA GLN E 241 -3.98 18.00 -12.29
C GLN E 241 -2.69 18.76 -12.30
N GLU E 242 -2.61 19.74 -13.20
CA GLU E 242 -1.47 20.61 -13.25
C GLU E 242 -1.37 21.32 -11.89
N LYS E 243 -2.47 21.92 -11.41
CA LYS E 243 -2.46 22.58 -10.10
C LYS E 243 -1.97 21.62 -9.02
N GLN E 244 -2.52 20.40 -8.96
CA GLN E 244 -2.10 19.39 -7.97
C GLN E 244 -0.60 19.07 -7.99
N LYS E 245 0.20 19.71 -8.84
CA LYS E 245 1.64 19.38 -8.99
C LYS E 245 2.52 20.48 -8.40
N GLU E 246 2.23 21.74 -8.73
CA GLU E 246 2.77 22.90 -7.98
C GLU E 246 1.75 24.01 -8.02
#